data_5GZK
#
_entry.id   5GZK
#
_cell.length_a   126.106
_cell.length_b   117.401
_cell.length_c   75.554
_cell.angle_alpha   90.00
_cell.angle_beta   92.56
_cell.angle_gamma   90.00
#
_symmetry.space_group_name_H-M   'C 1 2 1'
#
loop_
_entity.id
_entity.type
_entity.pdbx_description
1 polymer 'Uncharacterized protein'
2 branched beta-D-glucopyranose-(1-2)-beta-D-glucopyranose-(1-2)-beta-D-glucopyranose
3 non-polymer 'PHOSPHATE ION'
4 non-polymer 'POTASSIUM ION'
5 non-polymer beta-D-glucopyranose
6 non-polymer 'TETRAETHYLENE GLYCOL'
7 non-polymer DI(HYDROXYETHYL)ETHER
8 non-polymer 'CHLORIDE ION'
9 non-polymer 'PENTAETHYLENE GLYCOL'
10 water water
#
_entity_poly.entity_id   1
_entity_poly.type   'polypeptide(L)'
_entity_poly.pdbx_seq_one_letter_code
;MGSSHHHHHHSSGLVPRGSHMMSCGGSSSHQSTKDSTATDTLALSADSIFNIVEEQTFQYFWDGAEPVSGMARERYHVDG
NYPENDMNVVTSGGSGFGVMALLVGIERGYISREQGLERLMKIVSFLEKADRFHGAWPHWLYGETGKVKPFGQKDNGGDL
VETSFMIQGLLCVRQYFANGNEQEKALAARIDQLWKAVEFSWYRNGKNVLYWHWSPNYKWQMNFPVTGYNECLIMYILAA
ASPTHGIPAEVYHEGWAKSGAIKDSINAYGHTLKLSHNFAKEYGGPLFWSHYSYLGLDPHGLKDRYADYWENNLNHVLIN
REWCIQNPKHYKGYGPDSWGLTASYSVKGYAAHAPGENNDLGVISPTAALSSMPYTPEYSKQAMVHWYNDMRTKIFGKYG
FYDAFSETENWYPQQYLAIDQGPIVVMMENYRSGLLWKLFMSCPEVQAGLKKLDFQSPYLK
;
_entity_poly.pdbx_strand_id   A,B
#
loop_
_chem_comp.id
_chem_comp.type
_chem_comp.name
_chem_comp.formula
1PE non-polymer 'PENTAETHYLENE GLYCOL' 'C10 H22 O6'
BGC D-saccharide, beta linking beta-D-glucopyranose 'C6 H12 O6'
CL non-polymer 'CHLORIDE ION' 'Cl -1'
K non-polymer 'POTASSIUM ION' 'K 1'
PEG non-polymer DI(HYDROXYETHYL)ETHER 'C4 H10 O3'
PG4 non-polymer 'TETRAETHYLENE GLYCOL' 'C8 H18 O5'
PO4 non-polymer 'PHOSPHATE ION' 'O4 P -3'
#
# COMPACT_ATOMS: atom_id res chain seq x y z
N ALA A 43 -24.85 9.63 8.47
CA ALA A 43 -24.01 8.87 7.43
C ALA A 43 -22.58 9.39 7.26
N LEU A 44 -21.63 8.73 7.91
CA LEU A 44 -20.24 9.23 7.98
C LEU A 44 -19.40 8.80 6.77
N SER A 45 -18.30 9.51 6.57
CA SER A 45 -17.34 9.17 5.51
C SER A 45 -16.56 7.90 5.84
N ALA A 46 -15.97 7.21 4.87
CA ALA A 46 -15.09 6.07 5.20
C ALA A 46 -14.00 6.47 6.00
N ASP A 47 -13.45 7.68 5.75
CA ASP A 47 -12.38 8.10 6.49
C ASP A 47 -12.68 8.28 8.04
N SER A 48 -13.77 8.99 8.33
CA SER A 48 -14.27 9.11 9.74
C SER A 48 -14.48 7.69 10.38
N ILE A 49 -15.11 6.81 9.64
CA ILE A 49 -15.48 5.45 10.11
C ILE A 49 -14.21 4.66 10.35
N PHE A 50 -13.26 4.73 9.41
CA PHE A 50 -12.00 4.11 9.62
C PHE A 50 -11.34 4.44 10.95
N ASN A 51 -11.19 5.73 11.31
CA ASN A 51 -10.58 6.07 12.53
C ASN A 51 -11.41 5.67 13.78
N ILE A 52 -12.72 5.76 13.70
CA ILE A 52 -13.62 5.30 14.78
C ILE A 52 -13.38 3.79 15.02
N VAL A 53 -13.44 3.03 13.92
CA VAL A 53 -13.25 1.55 13.99
C VAL A 53 -11.85 1.16 14.50
N GLU A 54 -10.75 1.77 13.98
CA GLU A 54 -9.43 1.53 14.45
C GLU A 54 -9.25 1.80 15.97
N GLU A 55 -9.76 2.96 16.41
CA GLU A 55 -9.60 3.40 17.81
C GLU A 55 -10.34 2.46 18.78
N GLN A 56 -11.52 2.14 18.41
CA GLN A 56 -12.43 1.38 19.31
C GLN A 56 -11.95 -0.06 19.32
N THR A 57 -11.45 -0.56 18.19
CA THR A 57 -10.95 -1.92 18.14
C THR A 57 -9.69 -2.07 18.98
N PHE A 58 -8.83 -1.03 18.97
CA PHE A 58 -7.68 -0.98 19.76
C PHE A 58 -8.05 -1.12 21.25
N GLN A 59 -9.15 -0.52 21.63
CA GLN A 59 -9.64 -0.59 23.04
C GLN A 59 -9.89 -2.00 23.58
N TYR A 60 -10.14 -2.97 22.70
CA TYR A 60 -10.08 -4.38 23.20
C TYR A 60 -8.84 -4.73 24.01
N PHE A 61 -7.68 -4.14 23.62
CA PHE A 61 -6.38 -4.51 24.09
C PHE A 61 -5.85 -3.51 25.14
N TRP A 62 -6.62 -2.48 25.37
CA TRP A 62 -6.30 -1.45 26.35
C TRP A 62 -7.29 -1.48 27.51
N ASP A 63 -8.40 -0.79 27.39
CA ASP A 63 -9.52 -0.84 28.37
C ASP A 63 -10.01 -2.32 28.61
N GLY A 64 -10.09 -3.09 27.54
CA GLY A 64 -10.46 -4.55 27.62
C GLY A 64 -9.45 -5.57 28.11
N ALA A 65 -8.19 -5.18 28.32
CA ALA A 65 -7.18 -6.14 28.74
C ALA A 65 -7.48 -6.73 30.11
N GLU A 66 -6.88 -7.85 30.39
CA GLU A 66 -7.00 -8.44 31.68
C GLU A 66 -6.13 -7.54 32.58
N PRO A 67 -6.66 -7.15 33.74
CA PRO A 67 -6.00 -6.04 34.44
C PRO A 67 -4.68 -6.36 35.14
N VAL A 68 -4.47 -7.58 35.62
CA VAL A 68 -3.22 -7.96 36.32
C VAL A 68 -2.06 -8.10 35.35
N SER A 69 -2.27 -8.90 34.31
CA SER A 69 -1.28 -9.13 33.29
C SER A 69 -1.12 -8.07 32.24
N GLY A 70 -2.18 -7.36 31.88
CA GLY A 70 -2.18 -6.51 30.66
C GLY A 70 -2.36 -7.22 29.32
N MET A 71 -2.47 -8.54 29.43
CA MET A 71 -2.55 -9.43 28.26
C MET A 71 -3.97 -9.37 27.69
N ALA A 72 -4.13 -9.89 26.47
CA ALA A 72 -5.44 -9.89 25.78
C ALA A 72 -6.21 -11.13 26.33
N ARG A 73 -7.43 -10.88 26.81
CA ARG A 73 -8.41 -11.92 27.12
C ARG A 73 -8.70 -12.75 25.84
N GLU A 74 -8.92 -14.04 26.00
CA GLU A 74 -9.37 -14.86 24.90
C GLU A 74 -10.63 -14.24 24.36
N ARG A 75 -11.53 -13.88 25.25
CA ARG A 75 -12.82 -13.32 24.83
C ARG A 75 -13.34 -12.23 25.71
N TYR A 76 -14.23 -11.38 25.18
CA TYR A 76 -14.91 -10.37 26.01
C TYR A 76 -16.38 -10.33 25.62
N HIS A 77 -17.25 -10.52 26.62
CA HIS A 77 -18.68 -10.59 26.37
C HIS A 77 -19.31 -9.43 27.12
N VAL A 78 -19.84 -8.52 26.34
CA VAL A 78 -20.41 -7.29 26.85
C VAL A 78 -21.40 -7.51 27.97
N ASP A 79 -22.22 -8.58 27.92
CA ASP A 79 -23.21 -8.76 28.94
C ASP A 79 -22.68 -9.41 30.20
N GLY A 80 -21.37 -9.73 30.26
CA GLY A 80 -20.82 -10.33 31.46
C GLY A 80 -21.03 -11.80 31.63
N ASN A 81 -21.66 -12.45 30.66
CA ASN A 81 -21.88 -13.89 30.76
C ASN A 81 -20.81 -14.69 30.06
N TYR A 82 -20.11 -15.48 30.84
CA TYR A 82 -19.01 -16.30 30.36
C TYR A 82 -19.37 -17.75 30.69
N PRO A 83 -19.94 -18.53 29.72
CA PRO A 83 -20.31 -19.95 30.03
C PRO A 83 -19.16 -20.74 30.61
N GLU A 84 -17.92 -20.39 30.24
CA GLU A 84 -16.74 -21.11 30.81
C GLU A 84 -16.04 -20.40 31.99
N ASN A 85 -16.65 -19.33 32.50
CA ASN A 85 -16.13 -18.55 33.58
C ASN A 85 -14.70 -18.14 33.36
N ASP A 86 -14.39 -17.76 32.13
CA ASP A 86 -13.00 -17.60 31.69
C ASP A 86 -12.65 -16.18 31.22
N MET A 87 -13.33 -15.19 31.72
CA MET A 87 -13.09 -13.78 31.38
C MET A 87 -11.63 -13.36 31.55
N ASN A 88 -10.94 -13.91 32.55
CA ASN A 88 -9.50 -13.53 32.77
C ASN A 88 -8.48 -14.55 32.35
N VAL A 89 -8.87 -15.41 31.42
CA VAL A 89 -7.95 -16.30 30.77
C VAL A 89 -7.47 -15.54 29.56
N VAL A 90 -6.12 -15.41 29.45
CA VAL A 90 -5.50 -14.66 28.36
C VAL A 90 -4.88 -15.59 27.39
N THR A 91 -4.76 -15.13 26.18
CA THR A 91 -4.40 -15.93 25.02
C THR A 91 -3.03 -15.42 24.48
N SER A 92 -2.08 -16.36 24.38
CA SER A 92 -0.70 -15.99 24.03
C SER A 92 -0.67 -15.44 22.59
N GLY A 93 -1.34 -16.12 21.65
CA GLY A 93 -1.29 -15.64 20.25
C GLY A 93 -2.00 -14.32 20.09
N GLY A 94 -3.22 -14.18 20.66
CA GLY A 94 -3.93 -12.99 20.52
C GLY A 94 -3.28 -11.80 21.24
N SER A 95 -2.54 -12.14 22.26
CA SER A 95 -1.77 -11.08 22.97
C SER A 95 -0.58 -10.65 22.11
N GLY A 96 -0.06 -11.49 21.23
CA GLY A 96 0.87 -11.02 20.23
C GLY A 96 0.32 -10.01 19.30
N PHE A 97 -0.89 -10.26 18.85
CA PHE A 97 -1.61 -9.22 18.14
C PHE A 97 -1.80 -7.96 18.94
N GLY A 98 -2.15 -8.13 20.21
CA GLY A 98 -2.40 -7.01 21.09
C GLY A 98 -1.13 -6.17 21.34
N VAL A 99 0.03 -6.78 21.48
CA VAL A 99 1.24 -5.85 21.72
C VAL A 99 1.51 -5.02 20.44
N MET A 100 1.20 -5.58 19.27
CA MET A 100 1.20 -4.78 18.04
C MET A 100 0.21 -3.67 18.07
N ALA A 101 -1.00 -3.97 18.53
CA ALA A 101 -2.02 -2.99 18.65
C ALA A 101 -1.59 -1.82 19.62
N LEU A 102 -0.87 -2.17 20.65
CA LEU A 102 -0.35 -1.14 21.62
C LEU A 102 0.61 -0.15 20.91
N LEU A 103 1.39 -0.65 19.97
CA LEU A 103 2.30 0.16 19.18
C LEU A 103 1.48 1.02 18.25
N VAL A 104 0.38 0.53 17.63
CA VAL A 104 -0.52 1.34 16.85
C VAL A 104 -1.07 2.47 17.71
N GLY A 105 -1.42 2.09 18.96
CA GLY A 105 -1.97 3.03 19.90
C GLY A 105 -1.01 4.22 20.21
N ILE A 106 0.23 3.89 20.42
CA ILE A 106 1.29 4.95 20.70
C ILE A 106 1.33 5.79 19.43
N GLU A 107 1.49 5.14 18.26
CA GLU A 107 1.63 5.90 17.01
C GLU A 107 0.47 6.73 16.61
N ARG A 108 -0.78 6.32 16.87
CA ARG A 108 -1.94 7.13 16.55
C ARG A 108 -2.38 8.10 17.66
N GLY A 109 -1.70 8.10 18.77
CA GLY A 109 -2.03 8.99 19.90
C GLY A 109 -3.23 8.54 20.70
N TYR A 110 -3.45 7.21 20.79
CA TYR A 110 -4.60 6.72 21.54
C TYR A 110 -4.25 6.71 22.96
N ILE A 111 -2.98 6.40 23.19
CA ILE A 111 -2.29 6.38 24.41
C ILE A 111 -0.94 7.07 24.21
N SER A 112 -0.36 7.52 25.30
CA SER A 112 0.96 8.16 25.23
C SER A 112 2.01 7.09 25.04
N ARG A 113 3.16 7.51 24.52
CA ARG A 113 4.36 6.64 24.56
C ARG A 113 4.67 6.06 25.91
N GLU A 114 4.60 6.88 26.96
CA GLU A 114 4.85 6.39 28.31
C GLU A 114 3.84 5.32 28.81
N GLN A 115 2.58 5.58 28.50
CA GLN A 115 1.41 4.69 28.86
C GLN A 115 1.61 3.33 28.19
N GLY A 116 1.88 3.39 26.88
CA GLY A 116 2.30 2.20 26.10
C GLY A 116 3.46 1.48 26.63
N LEU A 117 4.54 2.22 26.93
CA LEU A 117 5.67 1.57 27.55
C LEU A 117 5.45 0.85 28.89
N GLU A 118 4.75 1.50 29.80
CA GLU A 118 4.50 0.94 31.12
C GLU A 118 3.61 -0.36 30.98
N ARG A 119 2.65 -0.28 30.08
CA ARG A 119 1.80 -1.50 29.78
C ARG A 119 2.62 -2.64 29.20
N LEU A 120 3.48 -2.34 28.23
CA LEU A 120 4.34 -3.39 27.67
C LEU A 120 5.31 -3.95 28.65
N MET A 121 5.79 -3.08 29.57
CA MET A 121 6.58 -3.59 30.62
C MET A 121 5.91 -4.60 31.52
N LYS A 122 4.66 -4.33 31.78
CA LYS A 122 3.85 -5.17 32.64
C LYS A 122 3.61 -6.53 31.93
N ILE A 123 3.37 -6.43 30.64
CA ILE A 123 3.16 -7.65 29.83
C ILE A 123 4.41 -8.53 29.77
N VAL A 124 5.56 -7.88 29.53
CA VAL A 124 6.81 -8.61 29.46
C VAL A 124 7.17 -9.19 30.80
N SER A 125 6.89 -8.47 31.91
CA SER A 125 7.12 -9.05 33.25
C SER A 125 6.33 -10.32 33.42
N PHE A 126 5.06 -10.23 32.97
CA PHE A 126 4.18 -11.41 33.05
C PHE A 126 4.69 -12.56 32.25
N LEU A 127 5.14 -12.26 31.02
CA LEU A 127 5.60 -13.29 30.14
C LEU A 127 6.92 -13.89 30.61
N GLU A 128 7.75 -13.08 31.31
CA GLU A 128 8.95 -13.67 31.95
C GLU A 128 8.74 -14.62 33.09
N LYS A 129 7.61 -14.54 33.78
CA LYS A 129 7.28 -15.43 34.87
C LYS A 129 6.26 -16.50 34.50
N ALA A 130 5.60 -16.33 33.37
CA ALA A 130 4.62 -17.33 32.90
C ALA A 130 5.20 -18.67 32.59
N ASP A 131 4.39 -19.70 32.65
CA ASP A 131 4.73 -21.02 32.22
C ASP A 131 5.21 -20.96 30.77
N ARG A 132 6.35 -21.64 30.56
CA ARG A 132 6.94 -21.90 29.25
C ARG A 132 7.43 -23.27 29.19
N PHE A 133 7.46 -23.82 27.99
CA PHE A 133 7.55 -25.26 27.80
C PHE A 133 8.58 -25.35 26.64
N HIS A 134 9.88 -25.51 27.01
CA HIS A 134 10.96 -25.34 26.00
C HIS A 134 10.85 -24.00 25.30
N GLY A 135 10.59 -22.99 26.14
CA GLY A 135 10.55 -21.65 25.81
C GLY A 135 9.31 -21.14 25.09
N ALA A 136 8.39 -22.06 24.86
CA ALA A 136 7.13 -21.59 24.23
C ALA A 136 6.06 -21.48 25.32
N TRP A 137 5.33 -20.41 25.23
CA TRP A 137 4.08 -20.27 26.06
C TRP A 137 2.99 -21.22 25.61
N PRO A 138 2.13 -21.55 26.57
CA PRO A 138 0.87 -22.30 26.22
C PRO A 138 -0.08 -21.35 25.48
N HIS A 139 -1.13 -21.92 24.91
CA HIS A 139 -2.20 -21.13 24.28
C HIS A 139 -2.92 -20.24 25.26
N TRP A 140 -3.18 -20.79 26.45
CA TRP A 140 -3.91 -20.08 27.47
C TRP A 140 -3.12 -20.01 28.80
N LEU A 141 -3.26 -18.86 29.45
CA LEU A 141 -2.72 -18.58 30.78
C LEU A 141 -3.74 -17.93 31.68
N TYR A 142 -3.72 -18.28 32.94
CA TYR A 142 -4.44 -17.47 33.93
C TYR A 142 -3.79 -16.10 34.09
N GLY A 143 -4.55 -15.03 33.83
CA GLY A 143 -4.01 -13.63 33.82
C GLY A 143 -3.35 -13.25 35.17
N GLU A 144 -3.89 -13.75 36.27
CA GLU A 144 -3.44 -13.33 37.58
C GLU A 144 -2.23 -14.01 38.02
N THR A 145 -1.88 -15.13 37.37
CA THR A 145 -0.78 -15.99 37.93
C THR A 145 0.26 -16.39 36.92
N GLY A 146 -0.08 -16.30 35.63
CA GLY A 146 0.80 -16.79 34.54
C GLY A 146 0.94 -18.32 34.41
N LYS A 147 0.03 -19.09 35.00
CA LYS A 147 0.04 -20.52 34.91
C LYS A 147 -0.82 -20.91 33.72
N VAL A 148 -0.49 -22.05 33.14
CA VAL A 148 -1.24 -22.67 32.05
C VAL A 148 -2.67 -23.02 32.38
N LYS A 149 -3.62 -22.72 31.47
CA LYS A 149 -4.88 -23.39 31.42
C LYS A 149 -4.94 -24.26 30.21
N PRO A 150 -5.13 -25.59 30.37
CA PRO A 150 -5.07 -26.45 29.22
C PRO A 150 -6.12 -26.09 28.22
N PHE A 151 -5.75 -26.05 26.96
CA PHE A 151 -6.71 -25.83 25.86
C PHE A 151 -7.22 -27.23 25.44
N GLY A 152 -7.98 -27.86 26.29
CA GLY A 152 -8.23 -29.30 26.15
C GLY A 152 -7.17 -30.05 26.92
N GLN A 153 -7.56 -31.23 27.38
CA GLN A 153 -6.82 -31.90 28.40
C GLN A 153 -5.33 -32.11 28.07
N LYS A 154 -5.07 -32.59 26.87
CA LYS A 154 -3.65 -32.89 26.45
C LYS A 154 -2.83 -31.75 25.92
N ASP A 155 -3.48 -30.61 25.72
CA ASP A 155 -2.82 -29.38 25.29
C ASP A 155 -2.58 -28.52 26.53
N ASN A 156 -1.64 -29.04 27.38
CA ASN A 156 -1.35 -28.40 28.62
C ASN A 156 0.08 -27.96 28.72
N GLY A 157 0.75 -27.94 27.57
CA GLY A 157 2.09 -27.41 27.52
C GLY A 157 2.26 -26.35 26.46
N GLY A 158 3.36 -26.43 25.74
CA GLY A 158 3.71 -25.37 24.79
C GLY A 158 2.81 -25.40 23.57
N ASP A 159 2.58 -24.23 23.05
CA ASP A 159 1.90 -24.07 21.74
C ASP A 159 2.80 -23.23 20.91
N LEU A 160 3.49 -23.85 19.98
CA LEU A 160 4.58 -23.10 19.22
C LEU A 160 3.99 -22.14 18.22
N VAL A 161 2.75 -22.46 17.76
CA VAL A 161 2.09 -21.57 16.82
C VAL A 161 1.63 -20.25 17.44
N GLU A 162 0.94 -20.37 18.56
CA GLU A 162 0.58 -19.20 19.40
C GLU A 162 1.85 -18.43 19.87
N THR A 163 2.85 -19.14 20.29
CA THR A 163 4.16 -18.50 20.65
C THR A 163 4.74 -17.72 19.49
N SER A 164 4.65 -18.27 18.31
CA SER A 164 5.09 -17.53 17.12
C SER A 164 4.35 -16.28 16.84
N PHE A 165 3.00 -16.26 17.02
CA PHE A 165 2.26 -15.02 16.89
C PHE A 165 2.69 -14.04 18.01
N MET A 166 3.01 -14.56 19.21
CA MET A 166 3.46 -13.67 20.31
C MET A 166 4.84 -13.10 19.88
N ILE A 167 5.72 -13.94 19.37
CA ILE A 167 7.07 -13.45 18.95
C ILE A 167 6.99 -12.46 17.78
N GLN A 168 6.17 -12.73 16.75
CA GLN A 168 5.97 -11.70 15.75
C GLN A 168 5.64 -10.31 16.32
N GLY A 169 4.78 -10.27 17.31
CA GLY A 169 4.42 -9.07 17.85
C GLY A 169 5.56 -8.50 18.76
N LEU A 170 6.13 -9.27 19.65
CA LEU A 170 7.16 -8.80 20.56
C LEU A 170 8.43 -8.28 19.77
N LEU A 171 8.80 -8.93 18.66
CA LEU A 171 9.83 -8.36 17.85
C LEU A 171 9.49 -7.01 17.33
N CYS A 172 8.24 -6.67 16.97
CA CYS A 172 7.93 -5.36 16.59
C CYS A 172 8.16 -4.37 17.72
N VAL A 173 7.82 -4.78 18.96
CA VAL A 173 8.05 -3.94 20.14
C VAL A 173 9.57 -3.74 20.37
N ARG A 174 10.36 -4.79 20.29
CA ARG A 174 11.86 -4.70 20.38
C ARG A 174 12.39 -3.63 19.44
N GLN A 175 11.98 -3.69 18.18
CA GLN A 175 12.46 -2.72 17.19
C GLN A 175 12.00 -1.36 17.44
N TYR A 176 10.76 -1.19 17.94
CA TYR A 176 10.19 0.09 18.14
C TYR A 176 10.96 0.85 19.22
N PHE A 177 11.39 0.13 20.22
CA PHE A 177 12.09 0.73 21.37
C PHE A 177 13.60 0.67 21.32
N ALA A 178 14.18 0.10 20.26
CA ALA A 178 15.59 -0.30 20.35
C ALA A 178 16.42 0.99 20.46
N ASN A 179 15.95 2.11 19.89
CA ASN A 179 16.72 3.36 19.91
C ASN A 179 16.16 4.42 20.86
N GLY A 180 15.47 4.01 21.92
CA GLY A 180 14.94 5.00 22.87
C GLY A 180 15.82 5.13 24.11
N ASN A 181 15.20 5.52 25.23
CA ASN A 181 15.91 5.78 26.49
C ASN A 181 16.38 4.53 27.20
N GLU A 182 16.97 4.69 28.37
CA GLU A 182 17.53 3.55 29.10
C GLU A 182 16.49 2.45 29.39
N GLN A 183 15.30 2.91 29.74
CA GLN A 183 14.23 2.00 30.19
C GLN A 183 13.61 1.23 28.94
N GLU A 184 13.44 1.97 27.86
CA GLU A 184 12.99 1.44 26.59
C GLU A 184 14.00 0.38 26.08
N LYS A 185 15.30 0.65 26.20
CA LYS A 185 16.27 -0.33 25.75
C LYS A 185 16.36 -1.55 26.62
N ALA A 186 16.08 -1.40 27.91
CA ALA A 186 16.13 -2.54 28.77
C ALA A 186 14.89 -3.42 28.42
N LEU A 187 13.79 -2.79 28.01
CA LEU A 187 12.59 -3.56 27.56
C LEU A 187 12.93 -4.38 26.31
N ALA A 188 13.43 -3.65 25.33
CA ALA A 188 13.94 -4.24 24.07
C ALA A 188 14.84 -5.37 24.34
N ALA A 189 15.80 -5.27 25.27
CA ALA A 189 16.61 -6.40 25.67
C ALA A 189 15.92 -7.53 26.35
N ARG A 190 14.96 -7.22 27.24
CA ARG A 190 14.24 -8.33 27.85
C ARG A 190 13.41 -9.13 26.78
N ILE A 191 12.90 -8.40 25.83
CA ILE A 191 12.14 -9.05 24.68
C ILE A 191 13.07 -9.90 23.84
N ASP A 192 14.25 -9.34 23.57
CA ASP A 192 15.29 -10.16 22.90
C ASP A 192 15.60 -11.47 23.60
N GLN A 193 15.69 -11.41 24.91
CA GLN A 193 15.89 -12.58 25.71
C GLN A 193 14.75 -13.66 25.55
N LEU A 194 13.50 -13.17 25.61
CA LEU A 194 12.30 -14.06 25.48
C LEU A 194 12.33 -14.71 24.10
N TRP A 195 12.64 -13.92 23.12
CA TRP A 195 12.82 -14.36 21.69
C TRP A 195 13.84 -15.44 21.54
N LYS A 196 15.04 -15.18 22.08
CA LYS A 196 16.08 -16.19 22.05
C LYS A 196 15.86 -17.43 22.87
N ALA A 197 14.91 -17.48 23.82
CA ALA A 197 14.73 -18.62 24.59
C ALA A 197 13.63 -19.56 23.98
N VAL A 198 12.99 -19.12 22.92
CA VAL A 198 12.03 -20.04 22.26
C VAL A 198 12.72 -21.12 21.52
N GLU A 199 12.54 -22.36 21.96
CA GLU A 199 13.30 -23.46 21.37
C GLU A 199 12.53 -24.03 20.18
N PHE A 200 12.52 -23.28 19.10
CA PHE A 200 11.90 -23.83 17.83
C PHE A 200 12.39 -25.24 17.50
N SER A 201 13.71 -25.53 17.62
CA SER A 201 14.21 -26.82 17.25
C SER A 201 13.70 -27.96 18.08
N TRP A 202 13.39 -27.72 19.38
CA TRP A 202 12.86 -28.72 20.20
C TRP A 202 11.61 -29.39 19.56
N TYR A 203 10.75 -28.49 19.01
CA TYR A 203 9.45 -28.91 18.43
C TYR A 203 9.58 -29.68 17.12
N ARG A 204 10.81 -29.86 16.63
CA ARG A 204 10.98 -30.86 15.57
C ARG A 204 10.71 -32.31 15.98
N ASN A 205 10.74 -32.61 17.28
CA ASN A 205 10.86 -33.94 17.75
C ASN A 205 11.78 -34.86 16.84
N GLY A 206 12.93 -34.34 16.47
CA GLY A 206 13.90 -35.17 15.71
C GLY A 206 13.58 -35.27 14.24
N LYS A 207 12.54 -34.57 13.75
CA LYS A 207 12.04 -34.73 12.36
C LYS A 207 12.23 -33.48 11.59
N ASN A 208 12.04 -33.58 10.26
CA ASN A 208 12.11 -32.46 9.43
C ASN A 208 10.75 -31.80 9.25
N VAL A 209 10.26 -31.26 10.37
CA VAL A 209 8.93 -30.61 10.42
C VAL A 209 8.83 -30.05 11.84
N LEU A 210 7.92 -29.12 12.09
CA LEU A 210 7.63 -28.63 13.42
C LEU A 210 6.26 -29.11 13.89
N TYR A 211 6.21 -29.57 15.13
CA TYR A 211 5.02 -29.96 15.82
C TYR A 211 4.44 -28.76 16.55
N TRP A 212 3.11 -28.71 16.54
CA TRP A 212 2.39 -27.62 17.11
C TRP A 212 2.52 -27.50 18.65
N HIS A 213 2.57 -28.64 19.32
CA HIS A 213 2.44 -28.73 20.75
C HIS A 213 3.52 -29.61 21.33
N TRP A 214 3.75 -29.39 22.62
CA TRP A 214 4.53 -30.37 23.44
C TRP A 214 4.06 -30.23 24.87
N SER A 215 3.97 -31.34 25.54
CA SER A 215 3.58 -31.38 26.97
C SER A 215 4.63 -32.05 27.88
N PRO A 216 4.81 -31.49 29.11
CA PRO A 216 5.58 -32.25 30.09
C PRO A 216 5.18 -33.65 30.35
N ASN A 217 3.89 -33.88 30.51
CA ASN A 217 3.39 -35.20 30.78
C ASN A 217 2.83 -36.01 29.58
N TYR A 218 2.19 -35.32 28.61
CA TYR A 218 1.68 -35.96 27.45
C TYR A 218 2.66 -35.95 26.29
N LYS A 219 3.85 -35.38 26.48
CA LYS A 219 4.90 -35.52 25.44
C LYS A 219 4.37 -35.09 24.07
N TRP A 220 4.37 -35.97 23.07
CA TRP A 220 4.07 -35.57 21.72
C TRP A 220 2.69 -36.16 21.34
N GLN A 221 1.84 -36.37 22.30
CA GLN A 221 0.56 -37.08 22.07
C GLN A 221 -0.48 -36.24 21.26
N MET A 222 -0.32 -34.92 21.35
CA MET A 222 -1.21 -34.06 20.50
C MET A 222 -0.95 -34.33 19.02
N ASN A 223 0.28 -34.61 18.67
CA ASN A 223 0.66 -35.17 17.38
C ASN A 223 0.16 -34.43 16.13
N PHE A 224 0.44 -33.14 16.11
CA PHE A 224 0.08 -32.26 15.02
C PHE A 224 1.33 -31.71 14.39
N PRO A 225 1.93 -32.47 13.47
CA PRO A 225 2.97 -31.87 12.65
C PRO A 225 2.40 -30.81 11.70
N VAL A 226 3.01 -29.62 11.64
CA VAL A 226 2.45 -28.48 10.93
C VAL A 226 2.88 -28.49 9.50
N THR A 227 1.99 -28.93 8.60
CA THR A 227 2.30 -28.93 7.13
C THR A 227 1.29 -27.92 6.46
N GLY A 228 1.76 -27.25 5.41
CA GLY A 228 1.05 -26.19 4.74
C GLY A 228 0.16 -26.73 3.65
N TYR A 229 -0.76 -25.86 3.15
CA TYR A 229 -0.88 -24.49 3.56
C TYR A 229 -1.98 -24.24 4.55
N ASN A 230 -1.67 -23.49 5.59
CA ASN A 230 -2.64 -23.02 6.56
C ASN A 230 -2.11 -21.69 7.14
N GLU A 231 -2.57 -21.29 8.33
CA GLU A 231 -2.25 -19.95 8.84
C GLU A 231 -0.83 -19.88 9.41
N CYS A 232 -0.09 -20.95 9.41
CA CYS A 232 1.07 -21.07 10.31
C CYS A 232 2.48 -20.71 9.69
N LEU A 233 2.55 -20.09 8.54
CA LEU A 233 3.83 -19.86 7.83
C LEU A 233 4.88 -19.12 8.77
N ILE A 234 4.38 -18.13 9.53
CA ILE A 234 5.28 -17.31 10.37
C ILE A 234 6.02 -18.15 11.37
N MET A 235 5.53 -19.31 11.78
CA MET A 235 6.29 -20.11 12.70
C MET A 235 7.59 -20.67 12.07
N TYR A 236 7.46 -21.09 10.80
CA TYR A 236 8.61 -21.59 10.08
C TYR A 236 9.63 -20.48 9.75
N ILE A 237 9.17 -19.29 9.51
CA ILE A 237 10.04 -18.17 9.18
C ILE A 237 10.81 -17.83 10.48
N LEU A 238 10.07 -17.77 11.62
CA LEU A 238 10.76 -17.42 12.84
C LEU A 238 11.70 -18.47 13.29
N ALA A 239 11.34 -19.74 13.11
CA ALA A 239 12.18 -20.81 13.41
C ALA A 239 13.52 -20.75 12.63
N ALA A 240 13.43 -20.38 11.39
CA ALA A 240 14.67 -20.20 10.56
C ALA A 240 15.48 -19.00 11.04
N ALA A 241 14.78 -17.95 11.47
CA ALA A 241 15.40 -16.73 11.99
C ALA A 241 16.07 -16.83 13.33
N SER A 242 15.67 -17.76 14.17
CA SER A 242 16.14 -17.84 15.52
C SER A 242 17.69 -18.08 15.51
N PRO A 243 18.41 -17.19 16.17
CA PRO A 243 19.88 -17.39 16.20
C PRO A 243 20.36 -18.40 17.20
N THR A 244 19.55 -18.76 18.18
CA THR A 244 19.92 -19.72 19.17
C THR A 244 19.32 -21.04 18.98
N HIS A 245 18.07 -21.15 18.38
CA HIS A 245 17.41 -22.46 18.40
C HIS A 245 16.70 -22.66 17.06
N GLY A 246 17.40 -22.30 16.01
CA GLY A 246 16.84 -22.35 14.65
C GLY A 246 16.79 -23.74 14.06
N ILE A 247 16.22 -23.77 12.84
CA ILE A 247 16.06 -24.98 12.11
C ILE A 247 16.87 -24.90 10.85
N PRO A 248 17.28 -26.06 10.35
CA PRO A 248 17.89 -26.01 9.01
C PRO A 248 16.77 -25.92 7.94
N ALA A 249 17.15 -25.56 6.74
CA ALA A 249 16.16 -25.29 5.71
C ALA A 249 15.26 -26.48 5.36
N GLU A 250 15.76 -27.72 5.48
CA GLU A 250 15.02 -28.89 5.16
C GLU A 250 13.75 -29.07 6.00
N VAL A 251 13.75 -28.53 7.21
CA VAL A 251 12.55 -28.52 8.06
C VAL A 251 11.37 -27.79 7.36
N TYR A 252 11.67 -26.70 6.73
CA TYR A 252 10.74 -25.90 5.96
C TYR A 252 10.40 -26.58 4.65
N HIS A 253 11.39 -26.88 3.83
CA HIS A 253 11.09 -27.58 2.54
C HIS A 253 10.43 -28.96 2.62
N GLU A 254 10.91 -29.86 3.51
CA GLU A 254 10.30 -31.15 3.59
C GLU A 254 9.05 -31.13 4.47
N GLY A 255 9.04 -30.33 5.52
CA GLY A 255 7.96 -30.30 6.50
C GLY A 255 6.79 -29.44 6.07
N TRP A 256 6.91 -28.11 6.25
CA TRP A 256 5.86 -27.17 5.85
C TRP A 256 5.46 -27.40 4.38
N ALA A 257 6.45 -27.41 3.50
CA ALA A 257 6.23 -27.40 2.05
C ALA A 257 5.98 -28.80 1.45
N LYS A 258 6.12 -29.84 2.27
CA LYS A 258 5.83 -31.26 1.86
C LYS A 258 6.61 -31.59 0.60
N SER A 259 7.85 -31.13 0.53
CA SER A 259 8.76 -31.31 -0.60
C SER A 259 8.15 -30.90 -1.91
N GLY A 260 7.40 -29.84 -1.89
CA GLY A 260 6.76 -29.34 -3.07
C GLY A 260 5.28 -29.63 -3.18
N ALA A 261 4.74 -30.58 -2.41
CA ALA A 261 3.32 -30.91 -2.52
C ALA A 261 2.43 -29.75 -2.05
N ILE A 262 3.01 -28.76 -1.37
CA ILE A 262 2.25 -27.47 -1.11
C ILE A 262 1.80 -26.70 -2.35
N LYS A 263 2.41 -26.97 -3.50
CA LYS A 263 2.02 -26.32 -4.73
C LYS A 263 0.73 -26.92 -5.18
N ASP A 264 -0.21 -26.12 -5.66
CA ASP A 264 -1.53 -26.60 -6.09
C ASP A 264 -1.98 -25.55 -7.14
N SER A 265 -3.21 -25.71 -7.57
CA SER A 265 -3.82 -24.82 -8.54
C SER A 265 -5.32 -24.88 -8.16
N ILE A 266 -5.76 -24.02 -7.23
CA ILE A 266 -7.16 -23.95 -6.84
C ILE A 266 -7.76 -22.76 -7.60
N ASN A 267 -8.77 -23.02 -8.43
CA ASN A 267 -9.31 -22.00 -9.35
C ASN A 267 -10.71 -21.75 -9.03
N ALA A 268 -11.02 -20.50 -8.71
CA ALA A 268 -12.40 -20.12 -8.48
C ALA A 268 -12.61 -18.67 -8.87
N TYR A 269 -13.71 -18.44 -9.56
CA TYR A 269 -14.10 -17.07 -10.02
C TYR A 269 -13.05 -16.36 -10.88
N GLY A 270 -12.26 -17.17 -11.61
CA GLY A 270 -11.17 -16.72 -12.42
C GLY A 270 -9.93 -16.34 -11.69
N HIS A 271 -9.83 -16.74 -10.41
CA HIS A 271 -8.68 -16.48 -9.54
C HIS A 271 -8.00 -17.81 -9.20
N THR A 272 -6.68 -17.88 -9.16
CA THR A 272 -5.94 -19.11 -8.86
C THR A 272 -5.17 -18.91 -7.59
N LEU A 273 -5.33 -19.87 -6.71
CA LEU A 273 -4.38 -20.04 -5.60
C LEU A 273 -3.41 -21.13 -5.95
N LYS A 274 -2.14 -20.86 -5.73
CA LYS A 274 -1.11 -21.82 -6.05
C LYS A 274 -0.56 -22.51 -4.82
N LEU A 275 -1.14 -22.22 -3.69
CA LEU A 275 -0.87 -22.91 -2.42
C LEU A 275 -2.00 -23.90 -2.11
N SER A 276 -1.61 -25.07 -1.64
CA SER A 276 -2.54 -26.15 -1.33
C SER A 276 -3.20 -25.93 0.04
N HIS A 277 -4.23 -25.13 0.05
CA HIS A 277 -4.94 -24.80 1.30
C HIS A 277 -5.49 -26.10 1.94
N ASN A 278 -5.08 -26.37 3.16
CA ASN A 278 -5.42 -27.64 3.82
C ASN A 278 -6.95 -27.79 3.89
N PHE A 279 -7.41 -28.95 3.37
CA PHE A 279 -8.81 -29.28 3.40
C PHE A 279 -9.75 -28.31 2.71
N ALA A 280 -9.24 -27.50 1.80
CA ALA A 280 -10.03 -26.36 1.21
C ALA A 280 -9.59 -26.15 -0.18
N LYS A 281 -9.74 -27.23 -0.97
CA LYS A 281 -9.20 -27.21 -2.34
C LYS A 281 -10.17 -26.59 -3.35
N GLU A 282 -11.32 -26.12 -2.92
CA GLU A 282 -12.25 -25.50 -3.87
C GLU A 282 -12.14 -23.95 -3.87
N TYR A 283 -12.03 -23.38 -2.67
CA TYR A 283 -12.05 -21.94 -2.51
C TYR A 283 -10.95 -21.41 -1.59
N GLY A 284 -10.14 -22.27 -1.03
CA GLY A 284 -9.23 -21.79 0.02
C GLY A 284 -9.94 -21.76 1.40
N GLY A 285 -9.13 -21.64 2.46
CA GLY A 285 -9.55 -21.80 3.83
C GLY A 285 -10.24 -20.57 4.37
N PRO A 286 -10.60 -20.61 5.65
CA PRO A 286 -11.06 -19.40 6.31
C PRO A 286 -10.07 -18.21 6.09
N LEU A 287 -10.61 -16.99 5.99
CA LEU A 287 -9.86 -15.91 5.40
C LEU A 287 -8.68 -15.50 6.30
N PHE A 288 -8.77 -15.83 7.60
CA PHE A 288 -7.64 -15.41 8.51
C PHE A 288 -6.30 -16.00 8.17
N TRP A 289 -6.27 -17.05 7.33
CA TRP A 289 -5.01 -17.57 6.90
C TRP A 289 -4.14 -16.56 6.11
N SER A 290 -4.82 -15.60 5.50
CA SER A 290 -4.11 -14.51 4.80
C SER A 290 -3.88 -13.31 5.74
N HIS A 291 -4.10 -13.45 7.07
CA HIS A 291 -3.87 -12.39 8.04
C HIS A 291 -2.79 -12.70 9.01
N TYR A 292 -2.93 -13.77 9.76
CA TYR A 292 -2.10 -13.88 10.94
C TYR A 292 -0.59 -13.86 10.71
N SER A 293 -0.10 -14.64 9.76
CA SER A 293 1.31 -14.69 9.49
C SER A 293 1.85 -13.50 8.66
N TYR A 294 1.01 -12.53 8.36
CA TYR A 294 1.31 -11.41 7.50
C TYR A 294 1.11 -10.07 8.24
N LEU A 295 1.08 -10.15 9.58
CA LEU A 295 0.83 -8.96 10.36
C LEU A 295 2.15 -8.19 10.50
N GLY A 296 3.22 -8.93 10.69
CA GLY A 296 4.64 -8.45 10.80
C GLY A 296 5.36 -8.73 9.49
N LEU A 297 5.30 -9.98 9.10
CA LEU A 297 5.82 -10.35 7.78
C LEU A 297 5.04 -9.66 6.68
N ASP A 298 5.74 -8.83 5.89
CA ASP A 298 5.11 -8.11 4.87
C ASP A 298 5.00 -9.00 3.62
N PRO A 299 3.77 -9.21 3.13
CA PRO A 299 3.64 -10.06 1.93
C PRO A 299 3.84 -9.34 0.61
N HIS A 300 3.95 -7.99 0.63
CA HIS A 300 4.09 -7.25 -0.65
C HIS A 300 5.44 -7.67 -1.27
N GLY A 301 5.47 -8.23 -2.47
CA GLY A 301 6.74 -8.66 -3.04
C GLY A 301 7.42 -9.85 -2.42
N LEU A 302 6.74 -10.55 -1.48
CA LEU A 302 7.30 -11.69 -0.83
C LEU A 302 7.03 -12.87 -1.79
N LYS A 303 8.08 -13.62 -2.13
CA LYS A 303 8.00 -14.77 -3.02
C LYS A 303 9.02 -15.78 -2.65
N ASP A 304 8.69 -17.06 -2.85
CA ASP A 304 9.65 -18.13 -2.85
C ASP A 304 9.32 -19.16 -3.95
N ARG A 305 9.96 -20.29 -3.92
CA ARG A 305 9.74 -21.28 -4.99
C ARG A 305 8.34 -21.83 -4.97
N TYR A 306 7.61 -21.66 -3.86
CA TYR A 306 6.25 -22.25 -3.79
C TYR A 306 5.16 -21.28 -4.21
N ALA A 307 5.37 -19.97 -4.00
CA ALA A 307 4.30 -19.06 -4.29
C ALA A 307 4.80 -17.60 -4.28
N ASP A 308 3.98 -16.76 -4.88
CA ASP A 308 4.00 -15.31 -4.74
C ASP A 308 2.94 -15.04 -3.65
N TYR A 309 3.40 -14.68 -2.49
CA TYR A 309 2.48 -14.53 -1.31
C TYR A 309 1.47 -13.36 -1.48
N TRP A 310 1.90 -12.25 -2.10
CA TRP A 310 1.02 -11.14 -2.34
C TRP A 310 -0.16 -11.60 -3.17
N GLU A 311 0.12 -12.22 -4.34
CA GLU A 311 -0.94 -12.53 -5.24
C GLU A 311 -1.83 -13.65 -4.59
N ASN A 312 -1.22 -14.58 -3.88
CA ASN A 312 -2.04 -15.72 -3.29
C ASN A 312 -2.93 -15.19 -2.16
N ASN A 313 -2.40 -14.24 -1.37
CA ASN A 313 -3.19 -13.66 -0.26
C ASN A 313 -4.30 -12.82 -0.81
N LEU A 314 -3.95 -11.99 -1.79
CA LEU A 314 -4.97 -11.27 -2.44
C LEU A 314 -6.07 -12.11 -3.07
N ASN A 315 -5.70 -13.16 -3.80
CA ASN A 315 -6.66 -13.98 -4.48
C ASN A 315 -7.55 -14.75 -3.51
N HIS A 316 -6.99 -15.11 -2.37
CA HIS A 316 -7.75 -15.69 -1.28
C HIS A 316 -8.89 -14.78 -0.81
N VAL A 317 -8.56 -13.47 -0.61
CA VAL A 317 -9.55 -12.47 -0.33
C VAL A 317 -10.62 -12.33 -1.45
N LEU A 318 -10.18 -12.22 -2.69
CA LEU A 318 -11.11 -11.93 -3.76
C LEU A 318 -12.05 -13.11 -4.00
N ILE A 319 -11.57 -14.40 -3.79
CA ILE A 319 -12.43 -15.53 -3.89
C ILE A 319 -13.49 -15.57 -2.79
N ASN A 320 -13.07 -15.28 -1.56
CA ASN A 320 -13.93 -15.19 -0.42
C ASN A 320 -15.04 -14.18 -0.67
N ARG A 321 -14.67 -12.95 -1.05
CA ARG A 321 -15.62 -11.93 -1.37
C ARG A 321 -16.55 -12.39 -2.49
N GLU A 322 -16.00 -12.94 -3.58
CA GLU A 322 -16.88 -13.36 -4.68
C GLU A 322 -17.88 -14.41 -4.29
N TRP A 323 -17.49 -15.38 -3.46
CA TRP A 323 -18.44 -16.31 -2.94
C TRP A 323 -19.59 -15.62 -2.25
N CYS A 324 -19.27 -14.61 -1.45
CA CYS A 324 -20.31 -13.89 -0.70
C CYS A 324 -21.24 -13.11 -1.65
N ILE A 325 -20.68 -12.55 -2.70
CA ILE A 325 -21.46 -11.90 -3.77
C ILE A 325 -22.34 -12.81 -4.53
N GLN A 326 -21.83 -13.97 -4.95
CA GLN A 326 -22.69 -14.97 -5.59
C GLN A 326 -23.71 -15.51 -4.67
N ASN A 327 -23.32 -15.66 -3.40
CA ASN A 327 -24.23 -16.11 -2.34
C ASN A 327 -25.00 -17.30 -2.76
N PRO A 328 -24.32 -18.39 -3.00
CA PRO A 328 -25.04 -19.60 -3.49
C PRO A 328 -26.07 -20.18 -2.59
N LYS A 329 -25.89 -20.02 -1.28
CA LYS A 329 -26.87 -20.52 -0.33
C LYS A 329 -27.99 -19.49 -0.06
N HIS A 330 -27.99 -18.31 -0.72
CA HIS A 330 -29.14 -17.40 -0.64
C HIS A 330 -29.35 -16.92 0.82
N TYR A 331 -28.27 -16.66 1.54
CA TYR A 331 -28.38 -16.05 2.85
C TYR A 331 -28.70 -14.56 2.76
N LYS A 332 -29.48 -14.10 3.73
CA LYS A 332 -29.75 -12.67 3.90
C LYS A 332 -28.55 -11.84 4.09
N GLY A 333 -28.48 -10.71 3.39
CA GLY A 333 -27.46 -9.72 3.66
C GLY A 333 -26.14 -9.85 2.95
N TYR A 334 -25.88 -10.97 2.31
CA TYR A 334 -24.65 -11.22 1.60
C TYR A 334 -24.57 -10.34 0.31
N GLY A 335 -23.47 -9.68 0.15
CA GLY A 335 -23.21 -8.88 -1.05
C GLY A 335 -21.95 -8.07 -0.94
N PRO A 336 -21.75 -7.20 -1.92
CA PRO A 336 -20.47 -6.46 -1.87
C PRO A 336 -20.33 -5.50 -0.71
N ASP A 337 -21.43 -5.14 -0.09
CA ASP A 337 -21.35 -4.37 1.14
C ASP A 337 -21.40 -5.17 2.42
N SER A 338 -21.47 -6.50 2.29
CA SER A 338 -21.37 -7.33 3.48
C SER A 338 -20.81 -8.72 3.09
N TRP A 339 -19.54 -8.88 3.34
CA TRP A 339 -18.81 -10.06 2.91
C TRP A 339 -17.70 -10.42 3.89
N GLY A 340 -17.17 -11.62 3.73
CA GLY A 340 -15.99 -12.08 4.50
C GLY A 340 -16.31 -13.17 5.48
N LEU A 341 -15.81 -14.38 5.09
CA LEU A 341 -16.02 -15.59 5.90
C LEU A 341 -14.69 -16.06 6.50
N THR A 342 -14.73 -16.25 7.80
CA THR A 342 -13.61 -16.77 8.52
C THR A 342 -14.05 -17.46 9.81
N ALA A 343 -13.09 -18.15 10.44
CA ALA A 343 -13.39 -18.68 11.74
C ALA A 343 -13.75 -17.67 12.80
N SER A 344 -14.79 -18.00 13.59
CA SER A 344 -15.35 -17.08 14.58
C SER A 344 -16.44 -17.72 15.40
N TYR A 345 -16.97 -17.01 16.37
CA TYR A 345 -18.25 -17.50 16.96
C TYR A 345 -19.26 -17.72 15.81
N SER A 346 -20.18 -18.59 16.06
CA SER A 346 -21.19 -19.08 15.10
C SER A 346 -22.50 -19.32 15.78
N VAL A 347 -23.58 -19.49 14.96
CA VAL A 347 -24.90 -19.68 15.46
C VAL A 347 -25.00 -20.83 16.43
N LYS A 348 -24.27 -21.89 16.17
CA LYS A 348 -24.21 -23.05 17.12
C LYS A 348 -22.99 -23.13 17.93
N GLY A 349 -22.25 -22.06 18.08
CA GLY A 349 -21.06 -22.09 18.92
C GLY A 349 -19.86 -21.37 18.27
N TYR A 350 -19.02 -22.15 17.60
CA TYR A 350 -17.83 -21.68 16.99
C TYR A 350 -17.65 -22.48 15.76
N ALA A 351 -17.26 -21.89 14.62
CA ALA A 351 -17.07 -22.67 13.44
C ALA A 351 -16.07 -22.02 12.53
N ALA A 352 -15.41 -22.82 11.76
CA ALA A 352 -14.36 -22.29 10.82
C ALA A 352 -14.99 -21.89 9.51
N HIS A 353 -15.78 -20.79 9.53
CA HIS A 353 -16.48 -20.35 8.32
C HIS A 353 -15.56 -20.07 7.13
N ALA A 354 -16.00 -20.45 5.92
CA ALA A 354 -15.26 -20.30 4.69
C ALA A 354 -16.19 -20.52 3.56
N PRO A 355 -15.72 -20.19 2.32
CA PRO A 355 -16.56 -20.38 1.20
C PRO A 355 -16.78 -21.92 1.02
N GLY A 356 -17.83 -22.26 0.29
CA GLY A 356 -18.23 -23.65 0.04
C GLY A 356 -19.51 -23.96 0.76
N GLU A 357 -20.36 -24.85 0.16
CA GLU A 357 -21.66 -25.09 0.76
C GLU A 357 -21.59 -25.76 2.13
N ASN A 358 -20.51 -26.51 2.37
CA ASN A 358 -20.28 -27.15 3.63
C ASN A 358 -19.69 -26.26 4.71
N ASN A 359 -19.17 -25.11 4.31
CA ASN A 359 -18.40 -24.26 5.26
C ASN A 359 -19.06 -22.93 5.54
N ASP A 360 -19.95 -22.47 4.63
CA ASP A 360 -20.61 -21.15 4.79
C ASP A 360 -21.91 -21.33 5.54
N LEU A 361 -21.98 -20.86 6.75
CA LEU A 361 -23.15 -21.02 7.67
C LEU A 361 -24.08 -19.81 7.81
N GLY A 362 -23.92 -18.84 6.91
CA GLY A 362 -24.72 -17.62 6.89
C GLY A 362 -24.18 -16.62 7.89
N VAL A 363 -23.01 -16.93 8.46
CA VAL A 363 -22.37 -16.03 9.35
C VAL A 363 -21.25 -15.23 8.70
N ILE A 364 -21.29 -13.89 8.85
CA ILE A 364 -20.25 -12.95 8.39
C ILE A 364 -19.49 -12.52 9.62
N SER A 365 -18.16 -12.44 9.53
CA SER A 365 -17.33 -12.10 10.66
C SER A 365 -16.44 -11.01 10.22
N PRO A 366 -16.70 -9.84 10.79
CA PRO A 366 -15.95 -8.64 10.34
C PRO A 366 -14.51 -8.68 10.22
N THR A 367 -13.79 -9.41 11.08
CA THR A 367 -12.34 -9.51 10.90
C THR A 367 -11.91 -9.98 9.48
N ALA A 368 -12.72 -10.78 8.76
CA ALA A 368 -12.35 -11.29 7.45
C ALA A 368 -12.14 -10.10 6.45
N ALA A 369 -13.17 -9.30 6.29
CA ALA A 369 -13.05 -8.14 5.38
C ALA A 369 -12.17 -7.07 5.95
N LEU A 370 -12.34 -6.75 7.23
CA LEU A 370 -11.54 -5.59 7.76
C LEU A 370 -10.07 -5.89 7.84
N SER A 371 -9.63 -7.14 8.13
CA SER A 371 -8.21 -7.38 8.28
C SER A 371 -7.56 -7.60 6.90
N SER A 372 -8.43 -7.69 5.92
CA SER A 372 -8.02 -7.70 4.55
C SER A 372 -7.84 -6.28 3.98
N MET A 373 -8.00 -5.24 4.80
CA MET A 373 -7.78 -3.87 4.33
C MET A 373 -6.51 -3.69 3.42
N PRO A 374 -5.35 -4.21 3.77
CA PRO A 374 -4.18 -3.88 2.89
C PRO A 374 -4.27 -4.49 1.49
N TYR A 375 -5.08 -5.56 1.35
CA TYR A 375 -5.17 -6.27 0.09
C TYR A 375 -6.23 -5.69 -0.79
N THR A 376 -7.40 -5.39 -0.21
CA THR A 376 -8.61 -5.00 -0.90
C THR A 376 -9.23 -3.80 -0.17
N PRO A 377 -8.51 -2.67 -0.19
CA PRO A 377 -8.97 -1.55 0.66
C PRO A 377 -10.32 -1.04 0.31
N GLU A 378 -10.62 -0.94 -0.97
CA GLU A 378 -11.91 -0.36 -1.27
C GLU A 378 -13.05 -1.28 -0.99
N TYR A 379 -12.84 -2.58 -1.21
CA TYR A 379 -13.88 -3.51 -0.91
C TYR A 379 -14.03 -3.69 0.62
N SER A 380 -12.94 -3.60 1.35
CA SER A 380 -13.01 -3.79 2.79
C SER A 380 -13.70 -2.56 3.39
N LYS A 381 -13.30 -1.36 2.92
CA LYS A 381 -14.09 -0.16 3.30
C LYS A 381 -15.55 -0.16 2.93
N GLN A 382 -15.96 -0.73 1.77
CA GLN A 382 -17.36 -0.84 1.39
C GLN A 382 -18.25 -1.55 2.44
N ALA A 383 -17.70 -2.68 2.91
CA ALA A 383 -18.34 -3.42 3.99
C ALA A 383 -18.29 -2.55 5.26
N MET A 384 -17.16 -2.02 5.64
CA MET A 384 -17.03 -1.29 6.87
C MET A 384 -18.06 -0.15 6.95
N VAL A 385 -18.23 0.54 5.83
CA VAL A 385 -19.14 1.68 5.79
C VAL A 385 -20.59 1.29 5.91
N HIS A 386 -21.03 0.24 5.21
CA HIS A 386 -22.37 -0.25 5.32
C HIS A 386 -22.63 -0.68 6.78
N TRP A 387 -21.70 -1.48 7.32
CA TRP A 387 -21.86 -1.93 8.69
C TRP A 387 -22.02 -0.77 9.67
N TYR A 388 -21.11 0.20 9.63
CA TYR A 388 -21.19 1.34 10.57
C TYR A 388 -22.46 2.19 10.33
N ASN A 389 -22.67 2.65 9.09
CA ASN A 389 -23.79 3.57 8.87
C ASN A 389 -25.13 2.96 8.97
N ASP A 390 -25.30 1.69 8.59
CA ASP A 390 -26.57 1.04 8.49
C ASP A 390 -26.86 0.00 9.60
N MET A 391 -25.78 -0.48 10.24
CA MET A 391 -25.95 -1.60 11.27
C MET A 391 -25.26 -1.37 12.61
N ARG A 392 -24.72 -0.22 12.89
CA ARG A 392 -23.92 -0.12 14.05
C ARG A 392 -24.66 -0.39 15.33
N THR A 393 -25.97 -0.18 15.37
CA THR A 393 -26.64 -0.37 16.62
C THR A 393 -26.74 -1.86 16.93
N LYS A 394 -26.65 -2.74 15.92
CA LYS A 394 -26.62 -4.18 16.11
C LYS A 394 -25.19 -4.71 16.23
N ILE A 395 -24.22 -4.22 15.41
CA ILE A 395 -22.91 -4.91 15.29
C ILE A 395 -21.71 -4.15 15.71
N PHE A 396 -21.90 -2.96 16.24
CA PHE A 396 -20.76 -2.13 16.70
C PHE A 396 -20.82 -1.83 18.18
N GLY A 397 -19.72 -2.05 18.86
CA GLY A 397 -19.72 -1.88 20.31
C GLY A 397 -18.48 -1.15 20.79
N LYS A 398 -18.32 -1.17 22.10
CA LYS A 398 -17.18 -0.46 22.69
C LYS A 398 -15.79 -0.86 22.30
N TYR A 399 -15.60 -2.14 21.87
CA TYR A 399 -14.34 -2.64 21.36
C TYR A 399 -14.33 -2.90 19.88
N GLY A 400 -15.11 -2.10 19.19
CA GLY A 400 -15.22 -2.19 17.73
C GLY A 400 -16.37 -3.07 17.26
N PHE A 401 -16.31 -3.50 16.01
CA PHE A 401 -17.33 -4.44 15.53
C PHE A 401 -17.25 -5.81 16.30
N TYR A 402 -18.45 -6.32 16.60
CA TYR A 402 -18.55 -7.63 17.26
C TYR A 402 -18.09 -8.73 16.36
N ASP A 403 -17.91 -9.93 16.97
CA ASP A 403 -17.16 -10.99 16.31
C ASP A 403 -17.79 -11.55 15.04
N ALA A 404 -19.11 -11.58 14.98
CA ALA A 404 -19.86 -12.33 13.96
C ALA A 404 -21.35 -12.05 14.07
N PHE A 405 -22.00 -12.14 12.94
CA PHE A 405 -23.46 -12.02 12.90
C PHE A 405 -24.07 -12.82 11.78
N SER A 406 -25.35 -13.10 11.93
CA SER A 406 -26.13 -13.66 10.75
C SER A 406 -27.42 -12.91 10.57
N GLU A 407 -27.55 -12.23 9.48
CA GLU A 407 -28.85 -11.55 9.24
C GLU A 407 -29.94 -12.58 8.97
N THR A 408 -29.59 -13.76 8.49
CA THR A 408 -30.53 -14.82 8.19
C THR A 408 -31.21 -15.22 9.47
N GLU A 409 -30.44 -15.32 10.56
CA GLU A 409 -30.97 -15.73 11.84
C GLU A 409 -31.23 -14.63 12.84
N ASN A 410 -31.04 -13.38 12.42
CA ASN A 410 -31.09 -12.23 13.33
C ASN A 410 -30.23 -12.49 14.60
N TRP A 411 -29.06 -12.98 14.33
CA TRP A 411 -28.11 -13.32 15.37
C TRP A 411 -26.98 -12.26 15.42
N TYR A 412 -26.87 -11.53 16.51
CA TYR A 412 -26.05 -10.31 16.65
C TYR A 412 -25.41 -10.30 18.07
N PRO A 413 -24.55 -11.28 18.37
CA PRO A 413 -24.02 -11.45 19.71
C PRO A 413 -23.09 -10.27 19.99
N GLN A 414 -23.20 -9.76 21.20
CA GLN A 414 -22.29 -8.65 21.67
C GLN A 414 -21.08 -9.24 22.33
N GLN A 415 -20.26 -9.85 21.49
CA GLN A 415 -19.14 -10.66 21.91
C GLN A 415 -17.99 -10.43 21.01
N TYR A 416 -16.79 -10.58 21.62
CA TYR A 416 -15.55 -10.35 20.96
C TYR A 416 -14.50 -11.43 21.22
N LEU A 417 -13.51 -11.61 20.32
CA LEU A 417 -12.42 -12.56 20.46
C LEU A 417 -11.13 -11.78 20.09
N ALA A 418 -10.13 -11.96 20.93
CA ALA A 418 -8.81 -11.27 20.74
C ALA A 418 -8.31 -11.57 19.34
N ILE A 419 -8.38 -12.88 18.91
CA ILE A 419 -7.80 -13.29 17.68
C ILE A 419 -8.53 -12.74 16.46
N ASP A 420 -9.76 -12.22 16.63
CA ASP A 420 -10.48 -11.53 15.59
C ASP A 420 -10.31 -9.98 15.66
N GLN A 421 -10.33 -9.39 16.83
CA GLN A 421 -10.07 -7.96 16.94
C GLN A 421 -8.63 -7.58 16.61
N GLY A 422 -7.65 -8.37 17.03
CA GLY A 422 -6.26 -7.98 16.86
C GLY A 422 -5.80 -7.71 15.42
N PRO A 423 -6.13 -8.60 14.47
CA PRO A 423 -5.66 -8.42 13.10
C PRO A 423 -6.43 -7.22 12.43
N ILE A 424 -7.57 -6.80 12.98
CA ILE A 424 -8.32 -5.73 12.40
C ILE A 424 -7.47 -4.43 12.63
N VAL A 425 -7.19 -4.18 13.88
CA VAL A 425 -6.35 -2.98 14.29
C VAL A 425 -5.01 -2.98 13.53
N VAL A 426 -4.35 -4.11 13.51
CA VAL A 426 -3.01 -4.27 12.96
C VAL A 426 -3.00 -4.09 11.45
N MET A 427 -3.95 -4.71 10.75
CA MET A 427 -3.95 -4.59 9.32
C MET A 427 -4.44 -3.27 8.83
N MET A 428 -5.34 -2.64 9.56
CA MET A 428 -5.81 -1.29 9.27
C MET A 428 -4.62 -0.34 9.39
N GLU A 429 -3.82 -0.52 10.40
CA GLU A 429 -2.63 0.34 10.53
C GLU A 429 -1.55 0.01 9.47
N ASN A 430 -1.43 -1.26 9.07
CA ASN A 430 -0.50 -1.57 8.02
C ASN A 430 -0.92 -0.94 6.73
N TYR A 431 -2.19 -0.94 6.38
CA TYR A 431 -2.68 -0.34 5.23
C TYR A 431 -2.36 1.15 5.27
N ARG A 432 -2.61 1.76 6.42
CA ARG A 432 -2.38 3.24 6.58
C ARG A 432 -0.92 3.68 6.39
N SER A 433 -0.02 3.06 7.09
CA SER A 433 1.36 3.49 7.32
C SER A 433 2.46 2.44 7.27
N GLY A 434 2.16 1.14 7.15
CA GLY A 434 3.16 0.11 7.26
C GLY A 434 3.84 -0.21 8.51
N LEU A 435 3.29 0.29 9.64
CA LEU A 435 3.97 0.25 10.90
C LEU A 435 4.56 -1.07 11.31
N LEU A 436 3.76 -2.15 11.33
CA LEU A 436 4.23 -3.35 11.92
C LEU A 436 5.15 -3.99 10.91
N TRP A 437 4.82 -3.90 9.63
CA TRP A 437 5.70 -4.46 8.57
C TRP A 437 7.11 -3.82 8.64
N LYS A 438 7.11 -2.50 8.72
CA LYS A 438 8.40 -1.79 8.88
C LYS A 438 9.19 -2.29 10.03
N LEU A 439 8.57 -2.46 11.22
CA LEU A 439 9.25 -2.92 12.37
C LEU A 439 9.70 -4.33 12.28
N PHE A 440 8.74 -5.24 11.95
CA PHE A 440 9.11 -6.65 11.89
C PHE A 440 10.27 -6.93 10.88
N MET A 441 10.07 -6.45 9.69
CA MET A 441 11.00 -6.71 8.53
C MET A 441 12.40 -6.16 8.81
N SER A 442 12.49 -5.16 9.69
CA SER A 442 13.79 -4.59 10.08
C SER A 442 14.60 -5.46 10.96
N CYS A 443 14.03 -6.52 11.56
CA CYS A 443 14.82 -7.40 12.40
C CYS A 443 15.91 -8.05 11.51
N PRO A 444 17.21 -7.96 11.91
CA PRO A 444 18.21 -8.66 11.13
C PRO A 444 17.95 -10.17 11.07
N GLU A 445 17.45 -10.74 12.15
CA GLU A 445 17.20 -12.19 12.20
C GLU A 445 16.07 -12.55 11.20
N VAL A 446 15.08 -11.68 11.02
CA VAL A 446 13.96 -12.03 10.12
C VAL A 446 14.56 -12.11 8.70
N GLN A 447 15.28 -11.06 8.34
CA GLN A 447 15.98 -11.06 7.00
C GLN A 447 16.91 -12.25 6.80
N ALA A 448 17.71 -12.62 7.78
CA ALA A 448 18.55 -13.82 7.66
C ALA A 448 17.72 -15.11 7.49
N GLY A 449 16.62 -15.18 8.26
CA GLY A 449 15.80 -16.39 8.18
C GLY A 449 15.11 -16.54 6.80
N LEU A 450 14.64 -15.46 6.23
CA LEU A 450 14.04 -15.41 4.91
C LEU A 450 15.06 -15.78 3.82
N LYS A 451 16.29 -15.27 3.98
CA LYS A 451 17.36 -15.70 3.06
C LYS A 451 17.69 -17.17 3.19
N LYS A 452 17.67 -17.72 4.39
CA LYS A 452 18.07 -19.06 4.63
C LYS A 452 17.04 -20.07 3.96
N LEU A 453 15.80 -19.63 3.96
CA LEU A 453 14.68 -20.40 3.36
C LEU A 453 14.45 -20.07 1.90
N ASP A 454 15.32 -19.24 1.32
CA ASP A 454 15.37 -19.00 -0.11
C ASP A 454 14.19 -18.14 -0.56
N PHE A 455 13.83 -17.18 0.29
CA PHE A 455 12.85 -16.20 -0.06
C PHE A 455 13.46 -14.99 -0.75
N GLN A 456 12.64 -14.34 -1.54
CA GLN A 456 12.82 -13.05 -2.11
C GLN A 456 11.85 -12.04 -1.48
N SER A 457 12.36 -10.81 -1.32
CA SER A 457 11.63 -9.73 -0.76
C SER A 457 12.49 -8.50 -0.95
N PRO A 458 11.88 -7.38 -1.22
CA PRO A 458 12.65 -6.15 -1.22
C PRO A 458 13.41 -5.85 0.05
N TYR A 459 12.93 -6.31 1.19
CA TYR A 459 13.57 -5.92 2.39
C TYR A 459 14.94 -6.62 2.49
N LEU A 460 15.33 -7.51 1.54
CA LEU A 460 16.51 -8.32 1.76
C LEU A 460 17.77 -7.71 1.13
N ALA B 43 -7.94 -15.44 -21.74
CA ALA B 43 -8.20 -14.49 -20.56
C ALA B 43 -7.17 -14.65 -19.45
N LEU B 44 -6.22 -13.72 -19.39
CA LEU B 44 -5.13 -13.76 -18.47
C LEU B 44 -5.57 -13.23 -17.08
N SER B 45 -4.79 -13.60 -16.07
CA SER B 45 -4.99 -13.18 -14.69
C SER B 45 -4.59 -11.70 -14.59
N ALA B 46 -5.06 -11.02 -13.55
CA ALA B 46 -4.69 -9.66 -13.36
C ALA B 46 -3.26 -9.57 -13.12
N ASP B 47 -2.63 -10.57 -12.44
CA ASP B 47 -1.27 -10.48 -12.19
C ASP B 47 -0.40 -10.61 -13.49
N SER B 48 -0.79 -11.51 -14.38
CA SER B 48 -0.10 -11.64 -15.68
C SER B 48 -0.19 -10.29 -16.47
N ILE B 49 -1.41 -9.77 -16.50
CA ILE B 49 -1.73 -8.49 -17.22
C ILE B 49 -0.98 -7.34 -16.61
N PHE B 50 -1.02 -7.21 -15.27
CA PHE B 50 -0.14 -6.27 -14.63
C PHE B 50 1.29 -6.27 -15.14
N ASN B 51 2.01 -7.42 -15.14
CA ASN B 51 3.42 -7.37 -15.54
C ASN B 51 3.63 -7.00 -17.04
N ILE B 52 2.75 -7.49 -17.88
CA ILE B 52 2.77 -7.23 -19.34
C ILE B 52 2.63 -5.70 -19.51
N VAL B 53 1.70 -5.12 -18.75
CA VAL B 53 1.31 -3.71 -18.97
C VAL B 53 2.40 -2.88 -18.41
N GLU B 54 2.94 -3.22 -17.24
CA GLU B 54 4.05 -2.52 -16.72
C GLU B 54 5.32 -2.50 -17.64
N GLU B 55 5.69 -3.68 -18.11
CA GLU B 55 6.84 -3.85 -18.90
C GLU B 55 6.77 -3.06 -20.26
N GLN B 56 5.65 -3.16 -20.86
CA GLN B 56 5.46 -2.57 -22.22
C GLN B 56 5.33 -1.08 -22.09
N THR B 57 4.69 -0.62 -21.02
CA THR B 57 4.62 0.79 -20.78
C THR B 57 5.96 1.37 -20.51
N PHE B 58 6.84 0.62 -19.78
CA PHE B 58 8.17 1.03 -19.60
C PHE B 58 8.87 1.26 -20.96
N GLN B 59 8.54 0.44 -21.95
CA GLN B 59 9.27 0.49 -23.24
C GLN B 59 9.08 1.84 -23.96
N TYR B 60 8.04 2.60 -23.57
CA TYR B 60 7.96 4.02 -24.07
C TYR B 60 9.25 4.81 -23.84
N PHE B 61 9.94 4.55 -22.69
CA PHE B 61 11.00 5.34 -22.19
C PHE B 61 12.37 4.69 -22.44
N TRP B 62 12.32 3.51 -23.04
CA TRP B 62 13.48 2.72 -23.35
C TRP B 62 13.64 2.62 -24.92
N ASP B 63 12.96 1.66 -25.55
CA ASP B 63 12.91 1.49 -27.00
C ASP B 63 12.34 2.78 -27.67
N GLY B 64 11.31 3.36 -27.06
CA GLY B 64 10.69 4.66 -27.62
C GLY B 64 11.42 5.93 -27.32
N ALA B 65 12.55 5.91 -26.55
CA ALA B 65 13.21 7.15 -26.24
C ALA B 65 13.81 7.78 -27.50
N GLU B 66 13.99 9.06 -27.45
CA GLU B 66 14.66 9.78 -28.52
C GLU B 66 16.14 9.28 -28.41
N PRO B 67 16.74 8.90 -29.54
CA PRO B 67 18.03 8.20 -29.51
C PRO B 67 19.22 9.02 -29.16
N VAL B 68 19.26 10.28 -29.53
CA VAL B 68 20.41 11.17 -29.17
C VAL B 68 20.51 11.46 -27.72
N SER B 69 19.39 11.90 -27.18
CA SER B 69 19.32 12.34 -25.78
C SER B 69 18.98 11.25 -24.79
N GLY B 70 18.33 10.16 -25.17
CA GLY B 70 17.71 9.22 -24.23
C GLY B 70 16.45 9.74 -23.53
N MET B 71 16.02 10.98 -23.84
CA MET B 71 14.88 11.62 -23.17
C MET B 71 13.55 11.16 -23.76
N ALA B 72 12.49 11.38 -23.00
CA ALA B 72 11.16 11.00 -23.42
C ALA B 72 10.63 11.93 -24.48
N ARG B 73 10.24 11.36 -25.62
CA ARG B 73 9.53 12.12 -26.68
C ARG B 73 8.20 12.68 -26.08
N GLU B 74 7.77 13.86 -26.48
CA GLU B 74 6.48 14.36 -26.08
C GLU B 74 5.45 13.30 -26.51
N ARG B 75 5.54 12.78 -27.73
CA ARG B 75 4.56 11.88 -28.24
C ARG B 75 5.20 10.82 -29.08
N TYR B 76 4.49 9.72 -29.27
CA TYR B 76 4.90 8.65 -30.14
C TYR B 76 3.67 8.17 -30.88
N HIS B 77 3.74 8.20 -32.20
CA HIS B 77 2.66 7.78 -33.05
C HIS B 77 3.06 6.56 -33.84
N VAL B 78 2.41 5.48 -33.57
CA VAL B 78 2.77 4.16 -34.14
C VAL B 78 2.81 4.24 -35.65
N ASP B 79 1.88 4.96 -36.27
CA ASP B 79 1.87 4.99 -37.73
C ASP B 79 2.93 5.89 -38.37
N GLY B 80 3.75 6.60 -37.56
CA GLY B 80 4.75 7.52 -38.05
C GLY B 80 4.25 8.86 -38.53
N ASN B 81 2.97 9.15 -38.36
CA ASN B 81 2.47 10.41 -38.77
C ASN B 81 2.45 11.42 -37.65
N TYR B 82 3.20 12.50 -37.84
CA TYR B 82 3.32 13.56 -36.86
C TYR B 82 2.93 14.88 -37.47
N PRO B 83 1.71 15.37 -37.23
CA PRO B 83 1.29 16.64 -37.90
C PRO B 83 2.18 17.80 -37.67
N GLU B 84 2.89 17.81 -36.53
CA GLU B 84 3.85 18.86 -36.24
C GLU B 84 5.32 18.52 -36.47
N ASN B 85 5.61 17.33 -37.05
CA ASN B 85 6.92 16.88 -37.42
C ASN B 85 7.83 16.92 -36.23
N ASP B 86 7.29 16.56 -35.10
CA ASP B 86 7.97 16.83 -33.79
C ASP B 86 8.23 15.47 -33.05
N MET B 87 8.41 14.36 -33.76
CA MET B 87 8.74 13.07 -33.12
C MET B 87 9.95 13.11 -32.15
N ASN B 88 10.92 13.90 -32.48
CA ASN B 88 12.16 14.02 -31.67
C ASN B 88 12.21 15.24 -30.81
N VAL B 89 11.04 15.83 -30.52
CA VAL B 89 11.00 16.86 -29.50
C VAL B 89 10.73 16.16 -28.17
N VAL B 90 11.62 16.42 -27.18
CA VAL B 90 11.52 15.76 -25.91
C VAL B 90 10.99 16.71 -24.87
N THR B 91 10.37 16.11 -23.89
CA THR B 91 9.57 16.87 -22.88
C THR B 91 10.24 16.71 -21.51
N SER B 92 10.49 17.83 -20.86
CA SER B 92 11.25 17.79 -19.62
C SER B 92 10.49 17.15 -18.50
N GLY B 93 9.22 17.45 -18.39
CA GLY B 93 8.38 16.86 -17.36
C GLY B 93 8.19 15.38 -17.54
N GLY B 94 7.79 14.93 -18.75
CA GLY B 94 7.58 13.57 -18.98
C GLY B 94 8.88 12.77 -18.90
N SER B 95 9.99 13.43 -19.17
CA SER B 95 11.31 12.78 -19.00
C SER B 95 11.65 12.63 -17.52
N GLY B 96 11.14 13.50 -16.63
CA GLY B 96 11.11 13.20 -15.18
C GLY B 96 10.46 11.91 -14.83
N PHE B 97 9.29 11.69 -15.38
CA PHE B 97 8.62 10.44 -15.20
C PHE B 97 9.45 9.29 -15.77
N GLY B 98 10.06 9.54 -16.94
CA GLY B 98 10.88 8.57 -17.63
C GLY B 98 12.10 8.11 -16.81
N VAL B 99 12.80 9.02 -16.20
CA VAL B 99 14.01 8.57 -15.37
C VAL B 99 13.55 7.73 -14.19
N MET B 100 12.37 8.00 -13.66
CA MET B 100 11.80 7.11 -12.63
C MET B 100 11.46 5.75 -13.22
N ALA B 101 10.93 5.76 -14.46
CA ALA B 101 10.62 4.54 -15.15
C ALA B 101 11.89 3.67 -15.40
N LEU B 102 13.03 4.32 -15.61
CA LEU B 102 14.29 3.65 -15.92
C LEU B 102 14.75 2.93 -14.61
N LEU B 103 14.55 3.57 -13.46
CA LEU B 103 14.75 2.89 -12.18
C LEU B 103 13.80 1.73 -11.97
N VAL B 104 12.50 1.80 -12.34
CA VAL B 104 11.59 0.69 -12.29
C VAL B 104 12.16 -0.43 -13.19
N GLY B 105 12.66 -0.03 -14.35
CA GLY B 105 13.37 -0.97 -15.22
C GLY B 105 14.51 -1.82 -14.59
N ILE B 106 15.43 -1.12 -13.96
CA ILE B 106 16.60 -1.75 -13.29
C ILE B 106 16.06 -2.69 -12.24
N GLU B 107 15.22 -2.18 -11.33
CA GLU B 107 14.56 -3.05 -10.30
C GLU B 107 13.74 -4.20 -10.77
N ARG B 108 13.00 -4.10 -11.86
CA ARG B 108 12.26 -5.24 -12.33
C ARG B 108 13.03 -6.19 -13.33
N GLY B 109 14.26 -5.90 -13.63
CA GLY B 109 15.03 -6.73 -14.57
C GLY B 109 14.63 -6.54 -16.02
N TYR B 110 14.05 -5.37 -16.37
CA TYR B 110 13.72 -5.10 -17.79
C TYR B 110 14.94 -4.76 -18.53
N ILE B 111 15.82 -4.07 -17.84
CA ILE B 111 17.11 -3.71 -18.25
C ILE B 111 18.03 -4.01 -17.07
N SER B 112 19.32 -4.10 -17.35
CA SER B 112 20.34 -4.34 -16.34
C SER B 112 20.66 -3.02 -15.71
N ARG B 113 21.31 -3.10 -14.55
CA ARG B 113 21.79 -1.92 -13.88
C ARG B 113 22.77 -1.11 -14.69
N GLU B 114 23.72 -1.79 -15.36
CA GLU B 114 24.66 -1.08 -16.21
C GLU B 114 23.95 -0.37 -17.39
N GLN B 115 23.01 -1.05 -18.00
CA GLN B 115 22.16 -0.51 -19.14
C GLN B 115 21.46 0.80 -18.67
N GLY B 116 20.76 0.69 -17.52
CA GLY B 116 20.27 1.89 -16.80
C GLY B 116 21.22 2.99 -16.49
N LEU B 117 22.36 2.67 -15.87
CA LEU B 117 23.35 3.67 -15.65
C LEU B 117 23.83 4.42 -16.85
N GLU B 118 24.17 3.68 -17.91
CA GLU B 118 24.63 4.31 -19.18
C GLU B 118 23.55 5.26 -19.75
N ARG B 119 22.32 4.73 -19.80
CA ARG B 119 21.17 5.56 -20.32
C ARG B 119 20.99 6.79 -19.46
N LEU B 120 21.02 6.64 -18.12
CA LEU B 120 20.90 7.84 -17.27
C LEU B 120 22.02 8.78 -17.38
N MET B 121 23.24 8.29 -17.67
CA MET B 121 24.35 9.21 -17.88
C MET B 121 24.25 10.09 -19.14
N LYS B 122 23.80 9.48 -20.18
CA LYS B 122 23.46 10.16 -21.45
C LYS B 122 22.42 11.25 -21.24
N ILE B 123 21.40 10.91 -20.48
CA ILE B 123 20.30 11.90 -20.11
C ILE B 123 20.84 13.04 -19.30
N VAL B 124 21.60 12.69 -18.24
CA VAL B 124 22.19 13.75 -17.45
C VAL B 124 23.15 14.57 -18.28
N SER B 125 23.92 13.92 -19.16
CA SER B 125 24.81 14.67 -20.05
C SER B 125 24.07 15.69 -20.88
N PHE B 126 23.00 15.20 -21.50
CA PHE B 126 22.11 16.10 -22.26
C PHE B 126 21.56 17.25 -21.45
N LEU B 127 21.04 16.95 -20.23
CA LEU B 127 20.48 17.96 -19.39
C LEU B 127 21.49 18.96 -18.89
N GLU B 128 22.74 18.50 -18.70
CA GLU B 128 23.83 19.43 -18.42
C GLU B 128 24.18 20.40 -19.53
N LYS B 129 23.93 20.02 -20.79
CA LYS B 129 24.19 20.88 -21.92
C LYS B 129 22.93 21.57 -22.44
N ALA B 130 21.77 21.09 -21.98
CA ALA B 130 20.47 21.74 -22.49
C ALA B 130 20.28 23.15 -22.07
N ASP B 131 19.49 23.91 -22.83
CA ASP B 131 19.07 25.18 -22.40
C ASP B 131 18.41 25.15 -21.01
N ARG B 132 18.89 26.09 -20.19
CA ARG B 132 18.30 26.41 -18.89
C ARG B 132 18.14 27.86 -18.70
N PHE B 133 17.13 28.23 -17.90
CA PHE B 133 16.67 29.56 -17.75
C PHE B 133 16.53 29.74 -16.23
N HIS B 134 17.52 30.41 -15.64
CA HIS B 134 17.61 30.42 -14.16
C HIS B 134 17.50 29.00 -13.57
N GLY B 135 18.21 28.12 -14.22
CA GLY B 135 18.32 26.74 -13.86
C GLY B 135 17.18 25.80 -14.13
N ALA B 136 16.12 26.34 -14.74
CA ALA B 136 14.98 25.50 -15.13
C ALA B 136 15.05 25.22 -16.62
N TRP B 137 14.77 24.00 -16.92
CA TRP B 137 14.62 23.53 -18.30
C TRP B 137 13.30 24.09 -18.87
N PRO B 138 13.31 24.29 -20.17
CA PRO B 138 11.99 24.56 -20.87
C PRO B 138 11.12 23.35 -20.87
N HIS B 139 9.89 23.56 -21.30
CA HIS B 139 8.98 22.43 -21.51
C HIS B 139 9.46 21.42 -22.54
N TRP B 140 9.86 21.97 -23.66
CA TRP B 140 10.29 21.25 -24.84
C TRP B 140 11.76 21.57 -25.21
N LEU B 141 12.43 20.53 -25.67
CA LEU B 141 13.77 20.59 -26.20
C LEU B 141 13.93 19.76 -27.45
N TYR B 142 14.73 20.26 -28.38
CA TYR B 142 15.16 19.41 -29.48
C TYR B 142 16.09 18.32 -28.96
N GLY B 143 15.73 17.06 -29.19
CA GLY B 143 16.48 15.87 -28.65
C GLY B 143 17.93 15.80 -29.14
N GLU B 144 18.15 16.27 -30.35
CA GLU B 144 19.50 16.18 -30.92
C GLU B 144 20.43 17.26 -30.48
N THR B 145 19.95 18.38 -29.93
CA THR B 145 20.78 19.59 -29.65
C THR B 145 20.68 20.17 -28.25
N GLY B 146 19.57 19.85 -27.56
CA GLY B 146 19.16 20.45 -26.31
C GLY B 146 18.82 21.89 -26.29
N LYS B 147 18.38 22.45 -27.42
CA LYS B 147 17.89 23.79 -27.46
C LYS B 147 16.36 23.77 -27.29
N VAL B 148 15.88 24.88 -26.79
CA VAL B 148 14.46 25.12 -26.51
C VAL B 148 13.67 25.06 -27.79
N LYS B 149 12.53 24.36 -27.74
CA LYS B 149 11.40 24.59 -28.71
C LYS B 149 10.30 25.27 -27.97
N PRO B 150 9.89 26.51 -28.39
CA PRO B 150 8.90 27.21 -27.63
C PRO B 150 7.57 26.44 -27.61
N PHE B 151 7.01 26.31 -26.42
CA PHE B 151 5.72 25.72 -26.20
C PHE B 151 4.63 26.79 -26.38
N GLY B 152 4.47 27.23 -27.63
CA GLY B 152 3.85 28.53 -27.91
C GLY B 152 4.88 29.65 -27.82
N GLN B 153 4.63 30.70 -28.55
CA GLN B 153 5.62 31.68 -28.82
C GLN B 153 6.31 32.30 -27.60
N LYS B 154 5.52 32.67 -26.61
CA LYS B 154 6.07 33.40 -25.47
C LYS B 154 6.55 32.47 -24.39
N ASP B 155 6.32 31.19 -24.55
CA ASP B 155 6.81 30.08 -23.60
C ASP B 155 8.08 29.47 -24.25
N ASN B 156 9.13 30.32 -24.23
CA ASN B 156 10.38 30.02 -24.90
C ASN B 156 11.54 30.02 -23.88
N GLY B 157 11.17 29.98 -22.59
CA GLY B 157 12.15 30.01 -21.53
C GLY B 157 11.95 28.88 -20.57
N GLY B 158 12.09 29.20 -19.30
CA GLY B 158 11.97 28.18 -18.31
C GLY B 158 10.53 27.82 -18.03
N ASP B 159 10.38 26.56 -17.67
CA ASP B 159 9.09 26.03 -17.21
C ASP B 159 9.36 25.39 -15.87
N LEU B 160 8.97 26.04 -14.80
CA LEU B 160 9.40 25.53 -13.42
C LEU B 160 8.61 24.36 -12.95
N VAL B 161 7.38 24.21 -13.45
CA VAL B 161 6.60 23.05 -13.16
C VAL B 161 7.08 21.77 -13.83
N GLU B 162 7.40 21.87 -15.13
CA GLU B 162 8.07 20.79 -15.86
C GLU B 162 9.42 20.40 -15.23
N THR B 163 10.16 21.43 -14.88
CA THR B 163 11.45 21.32 -14.14
C THR B 163 11.27 20.55 -12.87
N SER B 164 10.23 20.82 -12.14
CA SER B 164 9.95 20.14 -10.89
C SER B 164 9.65 18.70 -11.04
N PHE B 165 8.87 18.32 -12.08
CA PHE B 165 8.65 16.94 -12.39
C PHE B 165 10.00 16.27 -12.75
N MET B 166 10.88 17.00 -13.46
CA MET B 166 12.18 16.42 -13.85
C MET B 166 12.98 16.14 -12.55
N ILE B 167 13.03 17.14 -11.69
CA ILE B 167 13.78 17.02 -10.39
C ILE B 167 13.18 15.96 -9.50
N GLN B 168 11.84 15.81 -9.38
CA GLN B 168 11.32 14.74 -8.61
C GLN B 168 11.88 13.40 -9.10
N GLY B 169 12.03 13.26 -10.44
CA GLY B 169 12.54 12.00 -10.91
C GLY B 169 14.08 11.89 -10.66
N LEU B 170 14.83 12.89 -11.01
CA LEU B 170 16.33 12.92 -10.88
C LEU B 170 16.76 12.73 -9.42
N LEU B 171 16.03 13.32 -8.45
CA LEU B 171 16.35 13.00 -7.05
C LEU B 171 16.17 11.55 -6.76
N CYS B 172 15.18 10.83 -7.28
CA CYS B 172 15.08 9.43 -7.09
C CYS B 172 16.30 8.67 -7.63
N VAL B 173 16.78 9.11 -8.81
CA VAL B 173 18.02 8.55 -9.38
C VAL B 173 19.24 8.84 -8.45
N ARG B 174 19.33 10.02 -7.90
CA ARG B 174 20.37 10.40 -6.99
C ARG B 174 20.44 9.46 -5.82
N GLN B 175 19.30 9.16 -5.21
CA GLN B 175 19.21 8.23 -4.08
C GLN B 175 19.44 6.79 -4.44
N TYR B 176 19.07 6.39 -5.64
CA TYR B 176 19.30 5.08 -6.09
C TYR B 176 20.80 4.76 -6.19
N PHE B 177 21.60 5.70 -6.60
CA PHE B 177 23.00 5.45 -6.91
C PHE B 177 23.94 6.02 -5.88
N ALA B 178 23.38 6.55 -4.79
CA ALA B 178 24.16 7.36 -3.87
C ALA B 178 25.29 6.47 -3.24
N ASN B 179 24.99 5.20 -3.03
CA ASN B 179 25.86 4.22 -2.35
C ASN B 179 26.45 3.17 -3.28
N GLY B 180 26.56 3.45 -4.59
CA GLY B 180 27.20 2.49 -5.55
C GLY B 180 28.67 2.87 -5.82
N ASN B 181 29.15 2.59 -7.02
CA ASN B 181 30.57 2.70 -7.33
C ASN B 181 31.00 4.10 -7.66
N GLU B 182 32.27 4.28 -7.97
CA GLU B 182 32.74 5.63 -8.28
C GLU B 182 31.96 6.35 -9.37
N GLN B 183 31.49 5.57 -10.36
CA GLN B 183 30.81 6.10 -11.57
C GLN B 183 29.33 6.51 -11.27
N GLU B 184 28.63 5.55 -10.65
CA GLU B 184 27.32 5.70 -10.05
C GLU B 184 27.28 6.85 -9.06
N LYS B 185 28.23 6.92 -8.14
CA LYS B 185 28.35 8.11 -7.33
C LYS B 185 28.67 9.39 -8.06
N ALA B 186 29.44 9.34 -9.16
CA ALA B 186 29.72 10.54 -9.84
C ALA B 186 28.43 11.01 -10.57
N LEU B 187 27.58 10.07 -10.93
CA LEU B 187 26.26 10.38 -11.59
C LEU B 187 25.38 11.04 -10.52
N ALA B 188 25.30 10.37 -9.37
CA ALA B 188 24.52 10.87 -8.26
C ALA B 188 24.92 12.25 -7.99
N ALA B 189 26.22 12.58 -8.05
CA ALA B 189 26.69 13.95 -7.81
C ALA B 189 26.46 14.96 -8.90
N ARG B 190 26.56 14.53 -10.16
CA ARG B 190 26.18 15.46 -11.25
C ARG B 190 24.64 15.85 -11.13
N ILE B 191 23.81 14.90 -10.78
CA ILE B 191 22.35 15.12 -10.50
C ILE B 191 22.19 16.13 -9.38
N ASP B 192 22.92 15.91 -8.29
CA ASP B 192 22.98 16.95 -7.24
C ASP B 192 23.31 18.34 -7.65
N GLN B 193 24.32 18.55 -8.50
CA GLN B 193 24.60 19.84 -9.00
C GLN B 193 23.43 20.42 -9.85
N LEU B 194 22.82 19.60 -10.67
CA LEU B 194 21.67 20.10 -11.50
C LEU B 194 20.52 20.57 -10.56
N TRP B 195 20.19 19.72 -9.59
CA TRP B 195 19.23 20.01 -8.49
C TRP B 195 19.49 21.26 -7.82
N LYS B 196 20.75 21.44 -7.36
CA LYS B 196 21.17 22.67 -6.71
C LYS B 196 21.24 23.92 -7.53
N ALA B 197 21.21 23.82 -8.88
CA ALA B 197 21.28 24.93 -9.70
C ALA B 197 19.88 25.43 -10.17
N VAL B 198 18.83 24.66 -9.82
CA VAL B 198 17.42 25.14 -10.17
C VAL B 198 17.05 26.30 -9.27
N GLU B 199 16.90 27.50 -9.82
CA GLU B 199 16.66 28.75 -9.07
C GLU B 199 15.18 28.94 -8.75
N PHE B 200 14.67 28.10 -7.90
CA PHE B 200 13.18 28.21 -7.57
C PHE B 200 12.82 29.60 -7.16
N SER B 201 13.59 30.23 -6.30
CA SER B 201 13.23 31.54 -5.80
C SER B 201 13.25 32.62 -6.84
N TRP B 202 14.02 32.46 -7.91
CA TRP B 202 13.97 33.38 -9.03
C TRP B 202 12.54 33.58 -9.52
N TYR B 203 11.85 32.43 -9.58
CA TYR B 203 10.45 32.43 -10.12
C TYR B 203 9.39 33.05 -9.21
N ARG B 204 9.80 33.59 -8.07
CA ARG B 204 8.87 34.45 -7.28
C ARG B 204 8.57 35.77 -7.92
N ASN B 205 9.45 36.17 -8.86
CA ASN B 205 9.47 37.54 -9.31
C ASN B 205 9.12 38.54 -8.22
N GLY B 206 9.79 38.39 -7.09
CA GLY B 206 9.64 39.38 -5.98
C GLY B 206 8.42 39.18 -5.11
N LYS B 207 7.64 38.12 -5.38
CA LYS B 207 6.36 37.96 -4.72
C LYS B 207 6.31 36.72 -3.89
N ASN B 208 5.20 36.61 -3.15
CA ASN B 208 4.97 35.46 -2.33
C ASN B 208 4.09 34.40 -3.07
N VAL B 209 4.72 33.91 -4.13
CA VAL B 209 4.07 32.95 -5.06
C VAL B 209 5.17 32.56 -6.03
N LEU B 210 5.02 31.44 -6.72
CA LEU B 210 5.89 31.02 -7.79
C LEU B 210 5.14 31.13 -9.14
N TYR B 211 5.82 31.69 -10.14
CA TYR B 211 5.42 31.78 -11.51
C TYR B 211 5.85 30.58 -12.28
N TRP B 212 4.99 30.13 -13.17
CA TRP B 212 5.22 28.96 -13.92
C TRP B 212 6.40 29.07 -14.90
N HIS B 213 6.52 30.25 -15.52
CA HIS B 213 7.42 30.52 -16.65
C HIS B 213 8.32 31.68 -16.39
N TRP B 214 9.36 31.72 -17.21
CA TRP B 214 10.17 32.97 -17.35
C TRP B 214 10.90 32.91 -18.67
N SER B 215 11.01 34.02 -19.37
CA SER B 215 11.70 34.05 -20.63
C SER B 215 12.81 35.11 -20.68
N PRO B 216 13.95 34.78 -21.37
CA PRO B 216 14.98 35.86 -21.54
C PRO B 216 14.48 37.12 -22.17
N ASN B 217 13.63 36.98 -23.19
CA ASN B 217 13.14 38.12 -23.92
C ASN B 217 11.71 38.56 -23.51
N TYR B 218 10.82 37.62 -23.20
CA TYR B 218 9.47 37.95 -22.81
C TYR B 218 9.27 38.14 -21.31
N LYS B 219 10.35 37.96 -20.52
CA LYS B 219 10.35 38.15 -19.06
C LYS B 219 9.17 37.42 -18.42
N TRP B 220 8.22 38.17 -17.83
CA TRP B 220 7.16 37.60 -17.04
C TRP B 220 5.85 37.64 -17.78
N GLN B 221 5.89 37.80 -19.07
CA GLN B 221 4.65 38.10 -19.84
C GLN B 221 3.71 36.87 -19.90
N MET B 222 4.23 35.65 -19.69
CA MET B 222 3.31 34.52 -19.63
C MET B 222 2.35 34.65 -18.40
N ASN B 223 2.84 35.22 -17.33
CA ASN B 223 2.02 35.64 -16.25
C ASN B 223 1.08 34.64 -15.63
N PHE B 224 1.63 33.52 -15.17
CA PHE B 224 0.86 32.45 -14.60
C PHE B 224 1.44 32.22 -13.22
N PRO B 225 0.94 32.95 -12.26
CA PRO B 225 1.26 32.58 -10.87
C PRO B 225 0.56 31.33 -10.50
N VAL B 226 1.27 30.43 -9.84
CA VAL B 226 0.75 29.10 -9.58
C VAL B 226 0.04 29.02 -8.27
N THR B 227 -1.31 28.99 -8.33
CA THR B 227 -2.11 28.98 -7.09
C THR B 227 -2.98 27.68 -7.16
N GLY B 228 -3.13 27.07 -5.98
CA GLY B 228 -3.74 25.78 -5.88
C GLY B 228 -5.27 25.86 -5.82
N TYR B 229 -5.94 24.71 -5.94
CA TYR B 229 -5.36 23.36 -6.14
C TYR B 229 -5.38 22.93 -7.58
N ASN B 230 -4.25 22.46 -8.03
CA ASN B 230 -4.04 21.83 -9.27
C ASN B 230 -2.91 20.79 -9.19
N GLU B 231 -2.29 20.41 -10.34
CA GLU B 231 -1.32 19.33 -10.34
C GLU B 231 0.05 19.75 -9.76
N CYS B 232 0.21 21.01 -9.41
CA CYS B 232 1.58 21.55 -9.25
C CYS B 232 2.18 21.53 -7.82
N LEU B 233 1.57 20.87 -6.84
CA LEU B 233 2.04 20.87 -5.43
C LEU B 233 3.56 20.60 -5.33
N ILE B 234 4.04 19.68 -6.14
CA ILE B 234 5.45 19.23 -5.98
C ILE B 234 6.42 20.33 -6.27
N MET B 235 6.07 21.33 -7.07
CA MET B 235 6.94 22.47 -7.26
C MET B 235 7.18 23.31 -5.99
N TYR B 236 6.14 23.57 -5.21
CA TYR B 236 6.26 24.24 -3.96
C TYR B 236 7.03 23.42 -2.93
N ILE B 237 6.81 22.13 -2.90
CA ILE B 237 7.51 21.31 -1.94
C ILE B 237 9.00 21.29 -2.30
N LEU B 238 9.32 21.15 -3.58
CA LEU B 238 10.75 21.23 -4.00
C LEU B 238 11.40 22.59 -3.78
N ALA B 239 10.69 23.65 -4.04
CA ALA B 239 11.15 24.94 -3.79
C ALA B 239 11.48 25.11 -2.31
N ALA B 240 10.63 24.59 -1.45
CA ALA B 240 10.99 24.67 0.01
C ALA B 240 12.17 23.79 0.39
N ALA B 241 12.33 22.67 -0.30
CA ALA B 241 13.40 21.72 -0.06
C ALA B 241 14.75 22.21 -0.58
N SER B 242 14.77 23.11 -1.54
CA SER B 242 15.99 23.44 -2.22
C SER B 242 16.94 24.07 -1.14
N PRO B 243 18.15 23.49 -0.96
CA PRO B 243 19.13 24.09 -0.02
C PRO B 243 19.75 25.35 -0.52
N THR B 244 19.75 25.63 -1.84
CA THR B 244 20.41 26.78 -2.44
C THR B 244 19.57 27.89 -2.94
N HIS B 245 18.32 27.59 -3.39
CA HIS B 245 17.42 28.56 -3.97
C HIS B 245 15.95 28.33 -3.45
N GLY B 246 15.93 28.08 -2.13
CA GLY B 246 14.68 27.90 -1.40
C GLY B 246 13.82 29.10 -1.22
N ILE B 247 12.54 28.82 -0.92
CA ILE B 247 11.59 29.85 -0.63
C ILE B 247 11.28 29.85 0.87
N PRO B 248 10.89 30.99 1.40
CA PRO B 248 10.39 30.95 2.78
C PRO B 248 8.94 30.44 2.70
N ALA B 249 8.45 29.97 3.85
CA ALA B 249 7.13 29.32 3.94
C ALA B 249 5.99 30.16 3.42
N GLU B 250 6.06 31.50 3.55
CA GLU B 250 5.01 32.37 3.16
C GLU B 250 4.71 32.29 1.65
N VAL B 251 5.70 31.89 0.87
CA VAL B 251 5.45 31.69 -0.56
C VAL B 251 4.41 30.56 -0.83
N TYR B 252 4.50 29.51 -0.04
CA TYR B 252 3.53 28.40 -0.03
C TYR B 252 2.22 28.81 0.58
N HIS B 253 2.20 29.34 1.80
CA HIS B 253 0.96 29.69 2.48
C HIS B 253 0.17 30.80 1.81
N GLU B 254 0.84 31.89 1.37
CA GLU B 254 0.12 32.92 0.69
C GLU B 254 -0.07 32.68 -0.76
N GLY B 255 0.90 32.12 -1.43
CA GLY B 255 0.83 31.90 -2.84
C GLY B 255 -0.03 30.67 -3.21
N TRP B 256 0.57 29.50 -3.10
CA TRP B 256 -0.09 28.24 -3.45
C TRP B 256 -1.41 28.10 -2.69
N ALA B 257 -1.40 28.32 -1.38
CA ALA B 257 -2.52 28.06 -0.53
C ALA B 257 -3.51 29.26 -0.46
N LYS B 258 -3.18 30.37 -1.09
CA LYS B 258 -4.07 31.55 -1.10
C LYS B 258 -4.54 31.92 0.34
N SER B 259 -3.62 31.83 1.27
CA SER B 259 -3.89 32.15 2.62
C SER B 259 -5.00 31.39 3.22
N GLY B 260 -5.20 30.15 2.80
CA GLY B 260 -6.27 29.38 3.30
C GLY B 260 -7.44 29.22 2.36
N ALA B 261 -7.56 30.03 1.30
CA ALA B 261 -8.69 29.95 0.38
C ALA B 261 -8.56 28.66 -0.46
N ILE B 262 -7.45 27.92 -0.38
CA ILE B 262 -7.38 26.58 -1.00
C ILE B 262 -8.30 25.54 -0.36
N LYS B 263 -8.75 25.82 0.85
CA LYS B 263 -9.69 24.95 1.52
C LYS B 263 -11.03 25.13 0.93
N ASP B 264 -11.71 24.04 0.70
CA ASP B 264 -13.04 24.03 0.08
C ASP B 264 -13.76 22.80 0.64
N SER B 265 -14.91 22.50 0.04
CA SER B 265 -15.74 21.36 0.42
C SER B 265 -16.49 21.00 -0.87
N ILE B 266 -15.91 20.12 -1.69
CA ILE B 266 -16.54 19.74 -2.94
C ILE B 266 -17.12 18.37 -2.70
N ASN B 267 -18.47 18.21 -2.85
CA ASN B 267 -19.15 16.96 -2.41
C ASN B 267 -19.79 16.33 -3.58
N ALA B 268 -19.44 15.06 -3.83
CA ALA B 268 -20.09 14.33 -4.97
C ALA B 268 -20.07 12.89 -4.60
N TYR B 269 -21.22 12.22 -4.83
CA TYR B 269 -21.30 10.78 -4.61
C TYR B 269 -20.93 10.36 -3.18
N GLY B 270 -21.20 11.25 -2.22
CA GLY B 270 -20.89 11.01 -0.81
C GLY B 270 -19.45 11.16 -0.41
N HIS B 271 -18.65 11.71 -1.32
CA HIS B 271 -17.23 11.91 -1.13
C HIS B 271 -16.93 13.41 -1.09
N THR B 272 -16.01 13.84 -0.24
CA THR B 272 -15.72 15.27 -0.06
C THR B 272 -14.25 15.48 -0.43
N LEU B 273 -14.00 16.48 -1.25
CA LEU B 273 -12.70 17.03 -1.51
C LEU B 273 -12.60 18.30 -0.71
N LYS B 274 -11.56 18.42 0.11
CA LYS B 274 -11.37 19.61 0.89
C LYS B 274 -10.40 20.61 0.30
N LEU B 275 -9.90 20.31 -0.87
CA LEU B 275 -8.99 21.22 -1.62
C LEU B 275 -9.83 21.82 -2.77
N SER B 276 -9.65 23.11 -2.98
CA SER B 276 -10.34 23.86 -4.02
C SER B 276 -9.78 23.62 -5.41
N HIS B 277 -10.26 22.58 -6.03
CA HIS B 277 -9.73 22.18 -7.33
C HIS B 277 -10.04 23.31 -8.35
N ASN B 278 -9.02 23.87 -8.95
CA ASN B 278 -9.16 25.05 -9.86
C ASN B 278 -10.15 24.75 -10.96
N PHE B 279 -11.12 25.68 -11.04
CA PHE B 279 -12.18 25.57 -12.06
C PHE B 279 -12.96 24.28 -12.10
N ALA B 280 -12.99 23.55 -10.99
CA ALA B 280 -13.57 22.21 -10.97
C ALA B 280 -14.23 21.89 -9.65
N LYS B 281 -15.20 22.77 -9.30
CA LYS B 281 -15.75 22.79 -7.95
C LYS B 281 -16.93 21.80 -7.81
N GLU B 282 -17.21 21.06 -8.84
CA GLU B 282 -18.31 20.07 -8.78
C GLU B 282 -17.78 18.65 -8.56
N TYR B 283 -16.66 18.29 -9.20
CA TYR B 283 -16.17 16.93 -9.16
C TYR B 283 -14.66 16.81 -8.98
N GLY B 284 -13.98 17.94 -8.93
CA GLY B 284 -12.54 17.96 -9.03
C GLY B 284 -12.07 17.85 -10.48
N GLY B 285 -10.79 18.16 -10.63
CA GLY B 285 -10.18 18.31 -11.94
C GLY B 285 -9.87 17.06 -12.67
N PRO B 286 -9.23 17.14 -13.84
CA PRO B 286 -8.73 15.92 -14.46
C PRO B 286 -7.87 15.05 -13.54
N LEU B 287 -7.98 13.73 -13.68
CA LEU B 287 -7.53 12.88 -12.60
C LEU B 287 -6.02 12.94 -12.36
N PHE B 288 -5.24 13.36 -13.38
CA PHE B 288 -3.79 13.41 -13.25
C PHE B 288 -3.30 14.33 -12.15
N TRP B 289 -4.16 15.21 -11.66
CA TRP B 289 -3.77 16.07 -10.53
C TRP B 289 -3.42 15.25 -9.24
N SER B 290 -4.00 14.08 -9.18
CA SER B 290 -3.71 13.11 -8.05
C SER B 290 -2.53 12.18 -8.39
N HIS B 291 -1.86 12.40 -9.52
CA HIS B 291 -0.74 11.61 -9.94
C HIS B 291 0.56 12.30 -9.94
N TYR B 292 0.71 13.39 -10.70
CA TYR B 292 2.04 13.90 -10.99
C TYR B 292 2.87 14.28 -9.80
N SER B 293 2.24 14.92 -8.83
CA SER B 293 2.96 15.48 -7.69
C SER B 293 3.13 14.43 -6.61
N TYR B 294 2.68 13.19 -6.87
CA TYR B 294 2.61 12.09 -5.91
C TYR B 294 3.36 10.82 -6.43
N LEU B 295 4.27 11.02 -7.41
CA LEU B 295 5.05 9.92 -7.94
C LEU B 295 6.23 9.65 -7.02
N GLY B 296 6.86 10.70 -6.53
CA GLY B 296 8.02 10.64 -5.57
C GLY B 296 7.48 10.97 -4.19
N LEU B 297 6.75 12.07 -4.10
CA LEU B 297 6.07 12.42 -2.82
C LEU B 297 5.02 11.45 -2.52
N ASP B 298 5.18 10.78 -1.36
CA ASP B 298 4.25 9.83 -0.99
C ASP B 298 3.06 10.47 -0.27
N PRO B 299 1.87 10.22 -0.78
CA PRO B 299 0.70 10.80 -0.13
C PRO B 299 0.16 10.04 1.05
N HIS B 300 0.70 8.81 1.31
CA HIS B 300 0.16 8.01 2.41
C HIS B 300 0.50 8.75 3.71
N GLY B 301 -0.49 9.12 4.51
CA GLY B 301 -0.21 9.84 5.74
C GLY B 301 0.35 11.25 5.66
N LEU B 302 0.30 11.84 4.43
CA LEU B 302 0.77 13.11 4.17
C LEU B 302 -0.41 14.08 4.50
N LYS B 303 -0.17 15.07 5.35
CA LYS B 303 -1.20 16.00 5.79
C LYS B 303 -0.54 17.28 6.13
N ASP B 304 -1.27 18.37 5.89
CA ASP B 304 -0.92 19.67 6.43
C ASP B 304 -2.21 20.42 6.87
N ARG B 305 -2.08 21.69 7.20
CA ARG B 305 -3.23 22.44 7.67
C ARG B 305 -4.33 22.59 6.64
N TYR B 306 -4.01 22.34 5.35
CA TYR B 306 -5.04 22.50 4.29
C TYR B 306 -5.76 21.20 3.93
N ALA B 307 -5.06 20.08 4.08
CA ALA B 307 -5.69 18.81 3.67
C ALA B 307 -4.96 17.56 4.20
N ASP B 308 -5.74 16.48 4.11
CA ASP B 308 -5.24 15.09 4.19
C ASP B 308 -5.06 14.65 2.74
N TYR B 309 -3.82 14.50 2.31
CA TYR B 309 -3.55 14.32 0.86
C TYR B 309 -4.02 12.92 0.44
N TRP B 310 -3.80 11.92 1.28
CA TRP B 310 -4.23 10.57 0.97
C TRP B 310 -5.72 10.55 0.70
N GLU B 311 -6.51 11.05 1.66
CA GLU B 311 -7.93 10.96 1.53
C GLU B 311 -8.40 11.81 0.31
N ASN B 312 -7.79 12.97 0.15
CA ASN B 312 -8.28 13.87 -0.96
C ASN B 312 -7.96 13.25 -2.32
N ASN B 313 -6.79 12.65 -2.43
CA ASN B 313 -6.38 12.01 -3.68
C ASN B 313 -7.22 10.79 -3.96
N LEU B 314 -7.44 9.97 -2.93
CA LEU B 314 -8.34 8.87 -3.10
C LEU B 314 -9.74 9.30 -3.46
N ASN B 315 -10.28 10.31 -2.80
CA ASN B 315 -11.66 10.73 -3.10
C ASN B 315 -11.78 11.29 -4.50
N HIS B 316 -10.74 11.93 -4.97
CA HIS B 316 -10.65 12.45 -6.35
C HIS B 316 -10.81 11.30 -7.33
N VAL B 317 -10.10 10.18 -7.09
CA VAL B 317 -10.26 8.99 -7.92
C VAL B 317 -11.67 8.42 -7.78
N LEU B 318 -12.19 8.30 -6.53
CA LEU B 318 -13.47 7.64 -6.40
C LEU B 318 -14.60 8.40 -7.04
N ILE B 319 -14.56 9.76 -7.03
CA ILE B 319 -15.58 10.56 -7.68
C ILE B 319 -15.46 10.40 -9.18
N ASN B 320 -14.21 10.45 -9.69
CA ASN B 320 -13.97 10.24 -11.11
C ASN B 320 -14.58 8.90 -11.59
N ARG B 321 -14.28 7.83 -10.86
CA ARG B 321 -14.85 6.54 -11.21
C ARG B 321 -16.37 6.51 -11.12
N GLU B 322 -16.93 7.05 -10.03
CA GLU B 322 -18.35 7.06 -9.88
C GLU B 322 -19.03 7.82 -10.96
N TRP B 323 -18.46 8.96 -11.40
CA TRP B 323 -19.05 9.67 -12.54
C TRP B 323 -19.18 8.73 -13.74
N CYS B 324 -18.12 8.00 -14.02
CA CYS B 324 -18.08 7.08 -15.18
C CYS B 324 -19.13 5.95 -15.04
N ILE B 325 -19.35 5.50 -13.82
CA ILE B 325 -20.38 4.47 -13.52
C ILE B 325 -21.76 4.99 -13.72
N GLN B 326 -22.08 6.17 -13.19
CA GLN B 326 -23.37 6.81 -13.39
C GLN B 326 -23.59 7.17 -14.86
N ASN B 327 -22.48 7.48 -15.54
CA ASN B 327 -22.47 7.82 -16.94
C ASN B 327 -23.62 8.70 -17.35
N PRO B 328 -23.69 9.93 -16.86
CA PRO B 328 -24.87 10.79 -17.06
C PRO B 328 -25.08 11.14 -18.53
N LYS B 329 -23.99 11.11 -19.31
CA LYS B 329 -24.10 11.46 -20.71
C LYS B 329 -24.36 10.21 -21.55
N HIS B 330 -24.47 9.02 -20.96
CA HIS B 330 -24.87 7.82 -21.68
C HIS B 330 -23.86 7.47 -22.80
N TYR B 331 -22.59 7.63 -22.55
CA TYR B 331 -21.59 7.21 -23.50
C TYR B 331 -21.48 5.71 -23.53
N LYS B 332 -21.23 5.14 -24.70
CA LYS B 332 -20.92 3.70 -24.80
C LYS B 332 -19.70 3.28 -24.03
N GLY B 333 -19.83 2.15 -23.34
CA GLY B 333 -18.69 1.50 -22.70
C GLY B 333 -18.24 1.98 -21.32
N TYR B 334 -18.90 2.99 -20.80
CA TYR B 334 -18.56 3.49 -19.48
C TYR B 334 -19.13 2.58 -18.36
N GLY B 335 -18.30 2.27 -17.41
CA GLY B 335 -18.72 1.52 -16.23
C GLY B 335 -17.58 1.07 -15.37
N PRO B 336 -17.86 0.17 -14.41
CA PRO B 336 -16.74 -0.19 -13.54
C PRO B 336 -15.58 -0.93 -14.12
N ASP B 337 -15.78 -1.53 -15.28
CA ASP B 337 -14.63 -2.04 -16.01
C ASP B 337 -14.01 -1.09 -17.07
N SER B 338 -14.53 0.13 -17.17
CA SER B 338 -13.88 1.09 -18.04
C SER B 338 -14.22 2.49 -17.57
N TRP B 339 -13.25 3.06 -16.86
CA TRP B 339 -13.43 4.35 -16.23
C TRP B 339 -12.17 5.09 -16.25
N GLY B 340 -12.30 6.42 -15.93
CA GLY B 340 -11.13 7.22 -15.70
C GLY B 340 -10.99 8.32 -16.77
N LEU B 341 -11.23 9.54 -16.28
CA LEU B 341 -11.21 10.75 -17.16
C LEU B 341 -10.04 11.67 -16.72
N THR B 342 -9.21 12.00 -17.72
CA THR B 342 -8.16 12.92 -17.51
C THR B 342 -7.73 13.56 -18.87
N ALA B 343 -6.86 14.53 -18.74
CA ALA B 343 -6.36 15.25 -19.93
C ALA B 343 -5.59 14.31 -20.81
N SER B 344 -5.86 14.38 -22.11
CA SER B 344 -5.22 13.50 -23.10
C SER B 344 -5.55 13.87 -24.51
N TYR B 345 -5.04 13.14 -25.51
CA TYR B 345 -5.63 13.25 -26.84
C TYR B 345 -7.12 13.03 -26.76
N SER B 346 -7.87 13.65 -27.68
CA SER B 346 -9.32 13.63 -27.69
C SER B 346 -9.80 13.54 -29.12
N VAL B 347 -11.12 13.30 -29.28
CA VAL B 347 -11.71 13.14 -30.57
C VAL B 347 -11.47 14.37 -31.46
N LYS B 348 -11.50 15.55 -30.91
CA LYS B 348 -11.12 16.73 -31.72
C LYS B 348 -9.78 17.30 -31.44
N GLY B 349 -8.84 16.53 -30.95
CA GLY B 349 -7.50 17.02 -30.74
C GLY B 349 -6.95 16.66 -29.38
N TYR B 350 -7.08 17.55 -28.42
CA TYR B 350 -6.62 17.35 -27.10
C TYR B 350 -7.58 18.04 -26.16
N ALA B 351 -7.91 17.47 -25.03
CA ALA B 351 -8.77 18.11 -24.10
C ALA B 351 -8.52 17.68 -22.67
N ALA B 352 -8.87 18.55 -21.73
CA ALA B 352 -8.70 18.24 -20.34
C ALA B 352 -9.92 17.49 -19.77
N HIS B 353 -10.11 16.21 -20.17
CA HIS B 353 -11.26 15.42 -19.74
C HIS B 353 -11.37 15.29 -18.24
N ALA B 354 -12.61 15.32 -17.75
CA ALA B 354 -12.89 15.26 -16.33
C ALA B 354 -14.36 15.06 -16.19
N PRO B 355 -14.82 14.69 -14.97
CA PRO B 355 -16.24 14.59 -14.75
C PRO B 355 -16.92 15.94 -14.97
N GLY B 356 -18.20 15.89 -15.20
CA GLY B 356 -19.07 17.03 -15.43
C GLY B 356 -19.46 17.04 -16.88
N GLU B 357 -20.67 17.54 -17.16
CA GLU B 357 -21.19 17.48 -18.51
C GLU B 357 -20.43 18.30 -19.54
N ASN B 358 -19.81 19.41 -19.08
CA ASN B 358 -18.99 20.26 -19.87
C ASN B 358 -17.59 19.69 -20.11
N ASN B 359 -17.18 18.70 -19.32
CA ASN B 359 -15.78 18.20 -19.36
C ASN B 359 -15.60 16.77 -19.89
N ASP B 360 -16.66 15.97 -19.78
CA ASP B 360 -16.60 14.54 -20.16
C ASP B 360 -17.04 14.41 -21.62
N LEU B 361 -16.11 14.11 -22.50
CA LEU B 361 -16.32 14.04 -23.97
C LEU B 361 -16.51 12.62 -24.56
N GLY B 362 -16.70 11.65 -23.69
CA GLY B 362 -16.90 10.22 -24.07
C GLY B 362 -15.57 9.57 -24.33
N VAL B 363 -14.48 10.25 -23.92
CA VAL B 363 -13.15 9.71 -24.06
C VAL B 363 -12.62 9.18 -22.73
N ILE B 364 -12.19 7.92 -22.71
CA ILE B 364 -11.53 7.32 -21.55
C ILE B 364 -10.07 7.30 -21.82
N SER B 365 -9.24 7.54 -20.80
CA SER B 365 -7.81 7.71 -21.00
C SER B 365 -7.14 6.84 -19.97
N PRO B 366 -6.62 5.72 -20.42
CA PRO B 366 -6.09 4.71 -19.45
C PRO B 366 -5.22 5.14 -18.34
N THR B 367 -4.35 6.13 -18.55
CA THR B 367 -3.54 6.64 -17.47
C THR B 367 -4.40 7.09 -16.24
N ALA B 368 -5.62 7.55 -16.40
CA ALA B 368 -6.51 7.96 -15.25
C ALA B 368 -6.70 6.78 -14.25
N ALA B 369 -7.16 5.66 -14.74
CA ALA B 369 -7.39 4.52 -13.79
C ALA B 369 -6.09 3.87 -13.48
N LEU B 370 -5.22 3.67 -14.50
CA LEU B 370 -4.04 2.86 -14.24
C LEU B 370 -3.07 3.56 -13.33
N SER B 371 -2.95 4.90 -13.39
CA SER B 371 -1.99 5.55 -12.52
C SER B 371 -2.54 5.75 -11.09
N SER B 372 -3.80 5.48 -10.98
CA SER B 372 -4.47 5.50 -9.70
C SER B 372 -4.37 4.12 -8.96
N MET B 373 -3.66 3.19 -9.56
CA MET B 373 -3.40 1.90 -8.92
C MET B 373 -3.13 1.95 -7.39
N PRO B 374 -2.23 2.83 -6.91
CA PRO B 374 -1.97 2.79 -5.44
C PRO B 374 -3.19 3.16 -4.57
N TYR B 375 -4.10 3.93 -5.11
CA TYR B 375 -5.23 4.40 -4.35
C TYR B 375 -6.38 3.42 -4.42
N THR B 376 -6.63 2.86 -5.59
CA THR B 376 -7.81 2.09 -5.90
C THR B 376 -7.39 0.79 -6.68
N PRO B 377 -6.58 -0.05 -6.07
CA PRO B 377 -5.99 -1.16 -6.88
C PRO B 377 -7.01 -2.04 -7.48
N GLU B 378 -8.06 -2.38 -6.76
CA GLU B 378 -8.98 -3.31 -7.39
C GLU B 378 -9.79 -2.74 -8.51
N TYR B 379 -10.22 -1.51 -8.34
CA TYR B 379 -10.97 -0.85 -9.38
C TYR B 379 -9.99 -0.57 -10.54
N SER B 380 -8.72 -0.23 -10.26
CA SER B 380 -7.76 0.09 -11.36
C SER B 380 -7.48 -1.23 -12.14
N LYS B 381 -7.22 -2.31 -11.39
CA LYS B 381 -7.09 -3.63 -12.05
C LYS B 381 -8.31 -4.08 -12.84
N GLN B 382 -9.54 -3.77 -12.38
CA GLN B 382 -10.74 -4.15 -13.03
C GLN B 382 -10.90 -3.58 -14.47
N ALA B 383 -10.57 -2.31 -14.60
CA ALA B 383 -10.43 -1.69 -15.91
C ALA B 383 -9.27 -2.34 -16.68
N MET B 384 -8.10 -2.50 -16.10
CA MET B 384 -6.91 -2.98 -16.80
C MET B 384 -7.22 -4.36 -17.41
N VAL B 385 -7.99 -5.17 -16.66
CA VAL B 385 -8.33 -6.55 -17.12
C VAL B 385 -9.27 -6.60 -18.26
N HIS B 386 -10.35 -5.84 -18.22
CA HIS B 386 -11.30 -5.73 -19.29
C HIS B 386 -10.56 -5.20 -20.52
N TRP B 387 -9.79 -4.14 -20.30
CA TRP B 387 -9.09 -3.53 -21.47
C TRP B 387 -8.16 -4.53 -22.16
N TYR B 388 -7.38 -5.26 -21.38
CA TYR B 388 -6.40 -6.22 -21.95
C TYR B 388 -7.13 -7.43 -22.56
N ASN B 389 -8.01 -8.08 -21.79
CA ASN B 389 -8.63 -9.31 -22.23
C ASN B 389 -9.61 -9.14 -23.27
N ASP B 390 -10.37 -8.05 -23.24
CA ASP B 390 -11.43 -7.81 -24.16
C ASP B 390 -11.14 -6.80 -25.30
N MET B 391 -10.18 -5.91 -25.10
CA MET B 391 -9.98 -4.79 -26.12
C MET B 391 -8.55 -4.58 -26.61
N ARG B 392 -7.62 -5.48 -26.30
CA ARG B 392 -6.24 -5.24 -26.52
C ARG B 392 -5.92 -5.05 -27.99
N THR B 393 -6.73 -5.65 -28.88
CA THR B 393 -6.49 -5.47 -30.29
C THR B 393 -6.70 -4.02 -30.72
N LYS B 394 -7.63 -3.33 -30.07
CA LYS B 394 -7.89 -1.90 -30.33
C LYS B 394 -7.03 -0.97 -29.52
N ILE B 395 -6.74 -1.30 -28.24
CA ILE B 395 -6.12 -0.31 -27.32
C ILE B 395 -4.81 -0.62 -26.71
N PHE B 396 -4.23 -1.77 -27.05
CA PHE B 396 -2.93 -2.09 -26.50
C PHE B 396 -1.86 -2.24 -27.59
N GLY B 397 -0.74 -1.62 -27.41
CA GLY B 397 0.30 -1.61 -28.38
C GLY B 397 1.65 -1.79 -27.78
N LYS B 398 2.64 -1.53 -28.59
CA LYS B 398 4.00 -1.84 -28.19
C LYS B 398 4.50 -1.13 -26.99
N TYR B 399 3.96 0.07 -26.71
CA TYR B 399 4.34 0.81 -25.52
C TYR B 399 3.26 0.87 -24.50
N GLY B 400 2.47 -0.15 -24.44
CA GLY B 400 1.35 -0.24 -23.48
C GLY B 400 0.02 0.19 -24.04
N PHE B 401 -0.95 0.47 -23.17
CA PHE B 401 -2.18 0.99 -23.64
C PHE B 401 -1.97 2.38 -24.33
N TYR B 402 -2.75 2.56 -25.40
CA TYR B 402 -2.74 3.84 -26.12
C TYR B 402 -3.38 4.93 -25.24
N ASP B 403 -3.19 6.19 -25.70
CA ASP B 403 -3.45 7.31 -24.81
C ASP B 403 -4.85 7.46 -24.38
N ALA B 404 -5.78 7.16 -25.29
CA ALA B 404 -7.21 7.50 -25.12
C ALA B 404 -8.06 6.77 -26.19
N PHE B 405 -9.30 6.57 -25.89
CA PHE B 405 -10.30 6.03 -26.84
C PHE B 405 -11.73 6.41 -26.57
N SER B 406 -12.60 6.37 -27.58
CA SER B 406 -14.01 6.64 -27.35
C SER B 406 -14.72 5.47 -27.98
N GLU B 407 -15.37 4.68 -27.18
CA GLU B 407 -16.24 3.63 -27.79
C GLU B 407 -17.42 4.21 -28.52
N THR B 408 -17.87 5.42 -28.13
CA THR B 408 -19.04 6.04 -28.71
C THR B 408 -18.74 6.41 -30.13
N GLU B 409 -17.52 6.82 -30.36
CA GLU B 409 -17.13 7.24 -31.71
C GLU B 409 -16.31 6.27 -32.45
N ASN B 410 -16.02 5.07 -31.86
CA ASN B 410 -15.12 4.12 -32.44
C ASN B 410 -13.76 4.72 -32.80
N TRP B 411 -13.28 5.48 -31.84
CA TRP B 411 -12.03 6.23 -31.94
C TRP B 411 -10.97 5.57 -31.08
N TYR B 412 -9.99 5.01 -31.73
CA TYR B 412 -8.92 4.16 -31.09
C TYR B 412 -7.53 4.52 -31.67
N PRO B 413 -7.01 5.72 -31.40
CA PRO B 413 -5.77 6.21 -31.97
C PRO B 413 -4.60 5.40 -31.45
N GLN B 414 -3.70 5.02 -32.34
CA GLN B 414 -2.53 4.26 -31.95
C GLN B 414 -1.38 5.24 -31.63
N GLN B 415 -1.54 5.96 -30.55
CA GLN B 415 -0.79 7.11 -30.17
C GLN B 415 -0.52 7.08 -28.67
N TYR B 416 0.63 7.67 -28.32
CA TYR B 416 1.13 7.77 -26.97
C TYR B 416 1.62 9.15 -26.58
N LEU B 417 1.55 9.51 -25.28
CA LEU B 417 2.10 10.74 -24.77
C LEU B 417 2.94 10.32 -23.51
N ALA B 418 4.12 10.92 -23.45
CA ALA B 418 5.05 10.63 -22.31
C ALA B 418 4.33 10.86 -21.00
N ILE B 419 3.65 12.04 -20.86
CA ILE B 419 3.02 12.43 -19.64
C ILE B 419 1.85 11.56 -19.17
N ASP B 420 1.34 10.71 -20.04
CA ASP B 420 0.32 9.71 -19.74
C ASP B 420 0.96 8.32 -19.54
N GLN B 421 1.94 7.89 -20.31
CA GLN B 421 2.57 6.59 -20.04
C GLN B 421 3.44 6.61 -18.76
N GLY B 422 4.11 7.68 -18.46
CA GLY B 422 5.03 7.73 -17.34
C GLY B 422 4.44 7.44 -15.98
N PRO B 423 3.34 8.11 -15.67
CA PRO B 423 2.76 7.82 -14.34
C PRO B 423 2.15 6.40 -14.24
N ILE B 424 1.88 5.74 -15.35
CA ILE B 424 1.30 4.42 -15.35
C ILE B 424 2.41 3.48 -14.79
N VAL B 425 3.56 3.52 -15.44
CA VAL B 425 4.71 2.67 -15.00
C VAL B 425 5.06 2.94 -13.52
N VAL B 426 5.12 4.23 -13.20
CA VAL B 426 5.60 4.67 -11.91
C VAL B 426 4.65 4.33 -10.79
N MET B 427 3.35 4.57 -10.98
CA MET B 427 2.42 4.35 -9.93
C MET B 427 2.10 2.86 -9.83
N MET B 428 2.24 2.12 -10.94
CA MET B 428 2.14 0.68 -10.83
C MET B 428 3.31 0.19 -9.96
N GLU B 429 4.49 0.66 -10.19
CA GLU B 429 5.61 0.18 -9.33
C GLU B 429 5.50 0.68 -7.86
N ASN B 430 5.01 1.90 -7.65
CA ASN B 430 4.76 2.31 -6.26
C ASN B 430 3.73 1.46 -5.55
N TYR B 431 2.66 1.04 -6.21
CA TYR B 431 1.70 0.17 -5.64
C TYR B 431 2.40 -1.15 -5.24
N ARG B 432 3.19 -1.69 -6.15
CA ARG B 432 3.91 -2.98 -5.96
C ARG B 432 4.86 -2.96 -4.77
N SER B 433 5.74 -2.01 -4.73
CA SER B 433 6.95 -2.03 -3.90
C SER B 433 7.34 -0.70 -3.23
N GLY B 434 6.65 0.39 -3.52
CA GLY B 434 7.05 1.70 -3.06
C GLY B 434 8.29 2.33 -3.51
N LEU B 435 8.88 1.81 -4.61
CA LEU B 435 10.17 2.24 -5.04
C LEU B 435 10.45 3.70 -5.08
N LEU B 436 9.63 4.50 -5.85
CA LEU B 436 9.98 5.82 -6.05
C LEU B 436 9.72 6.63 -4.81
N TRP B 437 8.65 6.30 -4.09
CA TRP B 437 8.33 6.97 -2.83
C TRP B 437 9.50 6.81 -1.84
N LYS B 438 9.93 5.58 -1.72
CA LYS B 438 11.18 5.32 -0.89
C LYS B 438 12.35 6.14 -1.20
N LEU B 439 12.71 6.27 -2.50
CA LEU B 439 13.76 7.03 -2.89
C LEU B 439 13.60 8.47 -2.62
N PHE B 440 12.45 9.00 -3.11
CA PHE B 440 12.27 10.41 -3.04
C PHE B 440 12.23 10.88 -1.57
N MET B 441 11.41 10.21 -0.80
CA MET B 441 11.11 10.62 0.60
C MET B 441 12.38 10.47 1.45
N SER B 442 13.29 9.63 0.96
CA SER B 442 14.60 9.48 1.66
C SER B 442 15.46 10.68 1.52
N CYS B 443 15.17 11.64 0.61
CA CYS B 443 16.06 12.81 0.47
C CYS B 443 16.05 13.73 1.72
N PRO B 444 17.21 14.02 2.35
CA PRO B 444 17.17 14.97 3.47
C PRO B 444 16.52 16.33 3.16
N GLU B 445 16.76 16.84 1.98
CA GLU B 445 16.17 18.12 1.61
C GLU B 445 14.60 18.00 1.49
N VAL B 446 14.05 16.87 1.03
CA VAL B 446 12.59 16.70 0.91
C VAL B 446 11.97 16.75 2.32
N GLN B 447 12.60 16.01 3.25
CA GLN B 447 12.15 16.02 4.66
C GLN B 447 12.25 17.41 5.26
N ALA B 448 13.33 18.17 4.97
CA ALA B 448 13.54 19.47 5.54
C ALA B 448 12.46 20.37 4.99
N GLY B 449 12.16 20.18 3.69
CA GLY B 449 11.16 21.05 3.05
C GLY B 449 9.75 20.84 3.58
N LEU B 450 9.35 19.60 3.72
CA LEU B 450 8.04 19.22 4.29
C LEU B 450 7.91 19.82 5.68
N LYS B 451 8.99 19.72 6.49
CA LYS B 451 8.96 20.37 7.79
C LYS B 451 8.82 21.87 7.78
N LYS B 452 9.52 22.54 6.89
CA LYS B 452 9.53 23.96 6.78
C LYS B 452 8.10 24.52 6.44
N LEU B 453 7.40 23.73 5.63
CA LEU B 453 6.03 23.98 5.23
C LEU B 453 4.95 23.45 6.18
N ASP B 454 5.37 22.89 7.31
CA ASP B 454 4.47 22.45 8.39
C ASP B 454 3.62 21.25 7.98
N PHE B 455 4.20 20.36 7.18
CA PHE B 455 3.60 19.10 6.88
C PHE B 455 3.88 18.05 7.98
N GLN B 456 2.99 17.10 8.08
CA GLN B 456 3.17 15.85 8.79
C GLN B 456 3.25 14.72 7.77
N SER B 457 4.03 13.71 8.12
CA SER B 457 4.23 12.56 7.32
C SER B 457 5.02 11.57 8.22
N PRO B 458 4.74 10.29 8.12
CA PRO B 458 5.63 9.32 8.78
C PRO B 458 7.09 9.40 8.41
N TYR B 459 7.44 9.90 7.25
CA TYR B 459 8.83 9.87 6.92
C TYR B 459 9.58 10.95 7.69
N LEU B 460 8.91 11.78 8.52
CA LEU B 460 9.55 12.97 9.11
C LEU B 460 10.10 12.77 10.53
C2 BGC C . -7.63 -29.53 12.94
C3 BGC C . -7.76 -30.14 14.33
C4 BGC C . -8.97 -31.07 14.26
C5 BGC C . -8.57 -32.22 13.32
C6 BGC C . -9.75 -33.16 13.10
C1 BGC C . -7.20 -30.63 11.93
O1 BGC C . -7.33 -30.11 10.62
O2 BGC C . -6.65 -28.49 13.07
O3 BGC C . -7.96 -29.10 15.23
O4 BGC C . -9.33 -31.61 15.54
O5 BGC C . -8.08 -31.78 12.04
O6 BGC C . -10.96 -32.40 13.05
C2 BGC C . -6.19 -26.19 13.05
C3 BGC C . -6.40 -24.86 12.32
C4 BGC C . -5.85 -25.05 10.86
C5 BGC C . -6.51 -26.29 10.12
C6 BGC C . -5.88 -26.76 8.79
C1 BGC C . -6.97 -27.28 12.35
O2 BGC C . -6.72 -26.09 14.37
O3 BGC C . -5.93 -23.73 13.15
O4 BGC C . -6.16 -23.84 10.27
O5 BGC C . -6.46 -27.45 11.02
O6 BGC C . -4.39 -27.13 8.90
C2 BGC C . -6.17 -24.89 16.39
C3 BGC C . -5.22 -24.95 17.60
C4 BGC C . -5.28 -26.33 18.29
C5 BGC C . -5.05 -27.45 17.24
C6 BGC C . -5.19 -28.90 17.76
C1 BGC C . -5.84 -26.09 15.46
O2 BGC C . -6.04 -23.61 15.75
O3 BGC C . -5.47 -23.86 18.49
O4 BGC C . -4.26 -26.37 19.32
O5 BGC C . -6.05 -27.34 16.18
O6 BGC C . -6.45 -29.01 18.47
C2 BGC D . -4.85 27.38 -18.12
C3 BGC D . -4.17 28.08 -19.28
C4 BGC D . -5.25 28.67 -20.20
C5 BGC D . -6.12 29.64 -19.42
C6 BGC D . -7.28 30.14 -20.27
C1 BGC D . -5.61 28.50 -17.38
O1 BGC D . -6.18 27.95 -16.23
O2 BGC D . -3.85 26.70 -17.29
O3 BGC D . -3.37 27.19 -19.96
O4 BGC D . -4.69 29.45 -21.26
O5 BGC D . -6.64 29.02 -18.26
O6 BGC D . -7.96 29.05 -20.92
C2 BGC D . -2.92 24.58 -16.78
C3 BGC D . -3.15 23.18 -16.28
C4 BGC D . -3.84 23.40 -14.91
C5 BGC D . -5.16 24.25 -14.93
C6 BGC D . -5.74 24.62 -13.55
C1 BGC D . -4.24 25.37 -16.91
O2 BGC D . -2.35 24.45 -18.10
O3 BGC D . -1.88 22.37 -16.31
O4 BGC D . -4.10 22.15 -14.50
O5 BGC D . -4.92 25.48 -15.65
O6 BGC D . -4.86 25.55 -12.74
C2 BGC D . -0.13 23.72 -18.93
C3 BGC D . 1.34 24.21 -19.15
C4 BGC D . 1.34 25.61 -19.85
C5 BGC D . 0.38 26.63 -19.11
C6 BGC D . 0.21 28.02 -19.80
C1 BGC D . -0.97 24.84 -18.23
O2 BGC D . -0.19 22.41 -18.26
O3 BGC D . 1.96 23.18 -19.88
O4 BGC D . 2.66 26.17 -20.01
O5 BGC D . -0.98 26.07 -19.03
O6 BGC D . -0.12 27.79 -21.19
P PO4 E . -6.07 -12.22 -10.36
O1 PO4 E . -6.93 -11.68 -11.51
O2 PO4 E . -6.32 -11.43 -8.98
O3 PO4 E . -6.60 -13.63 -10.11
O4 PO4 E . -4.54 -12.14 -10.62
K K F . -20.67 -18.37 33.93
C2 BGC G . -12.51 -22.57 21.28
C3 BGC G . -12.74 -21.23 21.99
C4 BGC G . -11.84 -20.09 21.45
C5 BGC G . -11.51 -20.13 19.94
C6 BGC G . -10.39 -19.11 19.65
C1 BGC G . -12.19 -22.40 19.80
O1 BGC G . -11.88 -23.72 19.37
O2 BGC G . -13.70 -23.38 21.49
O3 BGC G . -12.58 -21.38 23.45
O4 BGC G . -12.48 -18.88 21.83
O5 BGC G . -11.10 -21.47 19.53
O6 BGC G . -9.16 -19.26 20.44
O1 PG4 H . 9.24 5.61 7.16
C1 PG4 H . 8.79 4.84 6.03
C2 PG4 H . 7.31 4.81 6.27
O2 PG4 H . 6.29 4.68 5.28
C3 PG4 H . 5.08 5.08 5.86
C4 PG4 H . 3.96 5.09 4.80
O3 PG4 H . 3.65 3.77 4.48
C5 PG4 H . 2.35 3.60 3.80
C6 PG4 H . 1.88 2.15 3.64
O4 PG4 H . 2.97 1.19 3.44
C7 PG4 H . 2.61 -0.12 3.00
C8 PG4 H . 3.87 -1.02 2.97
O5 PG4 H . 4.90 -0.71 4.00
C1 PEG I . 6.61 -24.69 33.45
O1 PEG I . 7.64 -25.54 32.91
C2 PEG I . 7.20 -23.43 34.09
O2 PEG I . 7.87 -22.56 33.18
C3 PEG I . 8.51 -21.40 33.83
C4 PEG I . 9.70 -20.68 33.16
O4 PEG I . 10.48 -21.47 32.27
P PO4 J . -14.78 8.51 1.75
O1 PO4 J . -15.95 7.59 2.14
O2 PO4 J . -15.44 9.75 1.20
O3 PO4 J . -13.80 7.84 0.64
O4 PO4 J . -14.00 8.94 3.02
K K K . 4.08 15.44 -40.68
CL CL L . 15.98 6.23 -22.38
C2 BGC M . -0.38 20.46 -26.61
C3 BGC M . 0.33 19.18 -27.12
C4 BGC M . 0.86 18.22 -26.02
C5 BGC M . -0.09 18.10 -24.83
C6 BGC M . 0.46 17.27 -23.67
C1 BGC M . -1.19 20.18 -25.34
O1 BGC M . -1.66 21.42 -24.75
O2 BGC M . -1.24 20.94 -27.68
O3 BGC M . 1.40 19.48 -28.08
O4 BGC M . 1.07 16.93 -26.56
O5 BGC M . -0.42 19.43 -24.37
O6 BGC M . 1.84 17.60 -23.37
OH2 1PE N . 13.98 -0.48 -0.38
C12 1PE N . 14.28 -1.77 0.14
C22 1PE N . 13.88 -1.96 1.60
OH3 1PE N . 12.66 -1.35 2.09
C13 1PE N . 10.27 -1.17 1.72
C23 1PE N . 11.49 -2.06 1.70
OH4 1PE N . 9.17 -1.99 1.33
C14 1PE N . 7.68 -3.16 -0.19
C24 1PE N . 9.05 -2.50 0.00
OH5 1PE N . 6.74 -2.08 -0.24
C15 1PE N . 4.47 -1.34 -1.01
C25 1PE N . 5.40 -2.49 -0.62
OH6 1PE N . 4.79 -0.13 -0.30
C16 1PE N . 4.45 2.24 0.43
C26 1PE N . 4.01 1.06 -0.47
OH7 1PE N . 5.88 2.65 0.39
#